data_2JR8
#
_entry.id   2JR8
#
_entity_poly.entity_id   1
_entity_poly.type   'polypeptide(L)'
_entity_poly.pdbx_seq_one_letter_code
;GKIPVKAIKQAGKVIGKGLRAINIAGTTHDVVSFFRPKKKKH
;
_entity_poly.pdbx_strand_id   A
#
# COMPACT_ATOMS: atom_id res chain seq x y z
N GLY A 1 -30.91 9.56 8.44
CA GLY A 1 -29.91 8.90 7.56
C GLY A 1 -28.48 9.22 7.98
N LYS A 2 -28.29 10.38 8.60
CA LYS A 2 -26.97 10.79 9.06
C LYS A 2 -26.00 10.91 7.88
N ILE A 3 -25.64 12.14 7.54
CA ILE A 3 -24.73 12.40 6.44
C ILE A 3 -23.40 11.67 6.65
N PRO A 4 -23.14 10.61 5.84
CA PRO A 4 -21.89 9.84 5.95
C PRO A 4 -20.70 10.58 5.36
N VAL A 5 -20.41 11.76 5.89
CA VAL A 5 -19.30 12.57 5.42
C VAL A 5 -17.98 11.82 5.57
N LYS A 6 -17.87 11.04 6.64
CA LYS A 6 -16.66 10.27 6.90
C LYS A 6 -16.40 9.28 5.77
N ALA A 7 -17.47 8.74 5.21
CA ALA A 7 -17.36 7.78 4.13
C ALA A 7 -16.66 8.40 2.92
N ILE A 8 -17.14 9.57 2.50
CA ILE A 8 -16.56 10.28 1.37
C ILE A 8 -15.13 10.68 1.66
N LYS A 9 -14.91 11.23 2.85
CA LYS A 9 -13.58 11.67 3.27
C LYS A 9 -12.63 10.47 3.37
N GLN A 10 -13.17 9.33 3.78
CA GLN A 10 -12.37 8.12 3.92
C GLN A 10 -11.87 7.63 2.56
N ALA A 11 -12.68 7.83 1.53
CA ALA A 11 -12.33 7.42 0.18
C ALA A 11 -11.13 8.21 -0.33
N GLY A 12 -11.08 9.48 0.04
CA GLY A 12 -9.98 10.34 -0.39
C GLY A 12 -8.66 9.94 0.25
N LYS A 13 -8.73 9.38 1.45
CA LYS A 13 -7.54 8.96 2.17
C LYS A 13 -6.94 7.72 1.52
N VAL A 14 -7.79 6.79 1.09
CA VAL A 14 -7.35 5.57 0.46
C VAL A 14 -6.51 5.86 -0.78
N ILE A 15 -6.87 6.94 -1.49
CA ILE A 15 -6.17 7.32 -2.70
C ILE A 15 -4.72 7.71 -2.37
N GLY A 16 -4.54 8.38 -1.24
CA GLY A 16 -3.21 8.79 -0.83
C GLY A 16 -2.47 7.69 -0.10
N LYS A 17 -3.14 7.05 0.85
CA LYS A 17 -2.54 5.96 1.61
C LYS A 17 -2.13 4.83 0.68
N GLY A 18 -2.93 4.60 -0.35
CA GLY A 18 -2.62 3.55 -1.30
C GLY A 18 -1.43 3.90 -2.17
N LEU A 19 -1.30 5.18 -2.49
CA LEU A 19 -0.19 5.65 -3.32
C LEU A 19 1.13 5.54 -2.55
N ARG A 20 1.07 5.86 -1.26
CA ARG A 20 2.25 5.79 -0.41
C ARG A 20 2.64 4.33 -0.15
N ALA A 21 1.66 3.44 -0.20
CA ALA A 21 1.89 2.02 0.02
C ALA A 21 2.59 1.40 -1.18
N ILE A 22 2.15 1.76 -2.38
CA ILE A 22 2.74 1.25 -3.61
C ILE A 22 4.19 1.69 -3.74
N ASN A 23 4.48 2.88 -3.22
CA ASN A 23 5.84 3.42 -3.29
C ASN A 23 6.78 2.61 -2.42
N ILE A 24 6.29 2.17 -1.26
CA ILE A 24 7.09 1.38 -0.33
C ILE A 24 7.07 -0.10 -0.71
N ALA A 25 6.02 -0.51 -1.41
CA ALA A 25 5.87 -1.90 -1.83
C ALA A 25 7.06 -2.35 -2.66
N GLY A 26 7.69 -1.41 -3.35
CA GLY A 26 8.85 -1.72 -4.18
C GLY A 26 10.05 -2.16 -3.36
N THR A 27 10.30 -1.44 -2.28
CA THR A 27 11.43 -1.76 -1.40
C THR A 27 11.15 -3.02 -0.59
N THR A 28 9.89 -3.16 -0.15
CA THR A 28 9.50 -4.33 0.63
C THR A 28 9.62 -5.60 -0.21
N HIS A 29 9.38 -5.47 -1.51
CA HIS A 29 9.47 -6.61 -2.42
C HIS A 29 10.88 -7.18 -2.43
N ASP A 30 11.86 -6.32 -2.22
CA ASP A 30 13.26 -6.74 -2.21
C ASP A 30 13.61 -7.41 -0.88
N VAL A 31 13.28 -6.74 0.21
CA VAL A 31 13.55 -7.24 1.55
C VAL A 31 13.12 -8.70 1.69
N VAL A 32 11.94 -9.01 1.16
CA VAL A 32 11.43 -10.37 1.22
C VAL A 32 12.38 -11.37 0.56
N SER A 33 13.14 -10.89 -0.42
CA SER A 33 14.10 -11.73 -1.12
C SER A 33 15.22 -12.16 -0.19
N PHE A 34 15.56 -11.30 0.78
CA PHE A 34 16.62 -11.60 1.73
C PHE A 34 16.25 -12.77 2.62
N PHE A 35 14.99 -12.77 3.09
CA PHE A 35 14.51 -13.84 3.95
C PHE A 35 14.18 -15.09 3.15
N ARG A 36 13.28 -14.95 2.18
CA ARG A 36 12.89 -16.07 1.32
C ARG A 36 12.21 -17.17 2.15
N PRO A 37 10.95 -17.52 1.82
CA PRO A 37 10.22 -18.56 2.54
C PRO A 37 10.76 -19.97 2.25
N LYS A 38 11.05 -20.71 3.30
CA LYS A 38 11.58 -22.07 3.16
C LYS A 38 11.22 -22.91 4.37
N LYS A 39 10.15 -23.70 4.25
CA LYS A 39 9.71 -24.57 5.34
C LYS A 39 9.97 -26.03 5.01
N LYS A 40 10.16 -26.84 6.04
CA LYS A 40 10.41 -28.27 5.86
C LYS A 40 9.29 -28.93 5.08
N LYS A 41 9.60 -30.05 4.44
CA LYS A 41 8.61 -30.79 3.65
C LYS A 41 8.72 -32.29 3.91
N HIS A 42 7.76 -33.04 3.37
CA HIS A 42 7.74 -34.49 3.55
C HIS A 42 7.42 -35.18 2.23
N GLY A 1 -25.67 21.19 -3.45
CA GLY A 1 -24.25 21.04 -3.03
C GLY A 1 -24.03 19.82 -2.17
N LYS A 2 -22.90 19.15 -2.37
CA LYS A 2 -22.57 17.95 -1.59
C LYS A 2 -22.47 18.28 -0.10
N ILE A 3 -23.52 17.95 0.64
CA ILE A 3 -23.56 18.20 2.07
C ILE A 3 -22.59 17.29 2.81
N PRO A 4 -22.63 15.97 2.55
CA PRO A 4 -21.75 14.99 3.19
C PRO A 4 -20.29 15.19 2.80
N VAL A 5 -19.70 16.30 3.26
CA VAL A 5 -18.32 16.61 2.96
C VAL A 5 -17.37 15.58 3.58
N LYS A 6 -17.76 15.05 4.74
CA LYS A 6 -16.96 14.06 5.43
C LYS A 6 -17.00 12.71 4.71
N ALA A 7 -18.09 12.46 3.99
CA ALA A 7 -18.27 11.21 3.26
C ALA A 7 -17.34 11.18 2.04
N ILE A 8 -17.09 12.34 1.47
CA ILE A 8 -16.23 12.45 0.30
C ILE A 8 -14.76 12.39 0.69
N LYS A 9 -14.38 13.21 1.68
CA LYS A 9 -13.00 13.24 2.15
C LYS A 9 -12.55 11.88 2.65
N GLN A 10 -13.49 11.08 3.13
CA GLN A 10 -13.18 9.75 3.65
C GLN A 10 -12.80 8.81 2.50
N ALA A 11 -13.44 8.99 1.36
CA ALA A 11 -13.16 8.16 0.19
C ALA A 11 -11.78 8.47 -0.38
N GLY A 12 -11.38 9.72 -0.29
CA GLY A 12 -10.08 10.13 -0.80
C GLY A 12 -8.93 9.57 0.02
N LYS A 13 -9.20 9.35 1.31
CA LYS A 13 -8.19 8.81 2.21
C LYS A 13 -7.93 7.33 1.92
N VAL A 14 -9.00 6.59 1.66
CA VAL A 14 -8.90 5.16 1.37
C VAL A 14 -8.03 4.91 0.14
N ILE A 15 -8.04 5.86 -0.80
CA ILE A 15 -7.25 5.73 -2.01
C ILE A 15 -5.76 5.87 -1.72
N GLY A 16 -5.42 6.82 -0.85
CA GLY A 16 -4.03 7.04 -0.50
C GLY A 16 -3.47 5.92 0.35
N LYS A 17 -4.31 5.35 1.20
CA LYS A 17 -3.89 4.26 2.08
C LYS A 17 -3.37 3.08 1.27
N GLY A 18 -3.94 2.89 0.08
CA GLY A 18 -3.51 1.81 -0.78
C GLY A 18 -2.14 2.05 -1.38
N LEU A 19 -1.88 3.31 -1.74
CA LEU A 19 -0.61 3.68 -2.33
C LEU A 19 0.51 3.58 -1.30
N ARG A 20 0.19 3.87 -0.05
CA ARG A 20 1.18 3.81 1.03
C ARG A 20 1.46 2.36 1.41
N ALA A 21 0.46 1.50 1.24
CA ALA A 21 0.60 0.09 1.57
C ALA A 21 1.44 -0.63 0.52
N ILE A 22 1.23 -0.26 -0.75
CA ILE A 22 1.97 -0.88 -1.84
C ILE A 22 3.44 -0.45 -1.81
N ASN A 23 3.70 0.73 -1.27
CA ASN A 23 5.06 1.25 -1.18
C ASN A 23 5.86 0.49 -0.11
N ILE A 24 5.22 0.21 1.02
CA ILE A 24 5.86 -0.50 2.12
C ILE A 24 6.03 -1.98 1.78
N ALA A 25 5.07 -2.53 1.04
CA ALA A 25 5.11 -3.93 0.65
C ALA A 25 6.15 -4.16 -0.45
N GLY A 26 6.40 -3.12 -1.25
CA GLY A 26 7.38 -3.23 -2.33
C GLY A 26 8.80 -3.14 -1.83
N THR A 27 9.01 -2.40 -0.75
CA THR A 27 10.34 -2.22 -0.18
C THR A 27 10.87 -3.55 0.38
N THR A 28 10.08 -4.18 1.23
CA THR A 28 10.46 -5.46 1.84
C THR A 28 10.76 -6.50 0.76
N HIS A 29 10.06 -6.40 -0.37
CA HIS A 29 10.25 -7.34 -1.47
C HIS A 29 11.65 -7.21 -2.05
N ASP A 30 12.22 -6.02 -1.96
CA ASP A 30 13.56 -5.76 -2.47
C ASP A 30 14.61 -6.44 -1.60
N VAL A 31 14.55 -6.16 -0.30
CA VAL A 31 15.49 -6.72 0.65
C VAL A 31 15.64 -8.23 0.48
N VAL A 32 14.52 -8.88 0.17
CA VAL A 32 14.51 -10.33 -0.03
C VAL A 32 15.19 -10.71 -1.35
N SER A 33 15.11 -9.81 -2.33
CA SER A 33 15.71 -10.04 -3.64
C SER A 33 17.23 -9.88 -3.58
N PHE A 34 17.69 -9.03 -2.66
CA PHE A 34 19.12 -8.79 -2.50
C PHE A 34 19.80 -9.97 -1.80
N PHE A 35 19.05 -10.64 -0.93
CA PHE A 35 19.58 -11.78 -0.20
C PHE A 35 19.55 -13.05 -1.04
N ARG A 36 18.85 -13.00 -2.17
CA ARG A 36 18.75 -14.15 -3.07
C ARG A 36 20.13 -14.68 -3.45
N PRO A 37 20.96 -13.85 -4.10
CA PRO A 37 22.32 -14.25 -4.51
C PRO A 37 23.23 -14.45 -3.31
N LYS A 38 24.29 -15.25 -3.52
CA LYS A 38 25.25 -15.53 -2.46
C LYS A 38 26.68 -15.41 -2.98
N LYS A 39 27.34 -14.32 -2.63
CA LYS A 39 28.72 -14.08 -3.07
C LYS A 39 28.81 -14.05 -4.58
N LYS A 40 27.75 -13.57 -5.22
CA LYS A 40 27.70 -13.48 -6.68
C LYS A 40 27.77 -12.03 -7.14
N LYS A 41 27.20 -11.13 -6.34
CA LYS A 41 27.19 -9.71 -6.66
C LYS A 41 26.81 -8.89 -5.43
N HIS A 42 27.55 -9.05 -4.35
CA HIS A 42 27.30 -8.33 -3.11
C HIS A 42 28.07 -7.01 -3.09
N GLY A 1 -28.29 15.71 6.11
CA GLY A 1 -28.18 14.54 7.02
C GLY A 1 -26.85 13.82 6.89
N LYS A 2 -26.39 13.64 5.65
CA LYS A 2 -25.12 12.98 5.38
C LYS A 2 -24.09 13.96 4.85
N ILE A 3 -23.08 14.26 5.66
CA ILE A 3 -22.03 15.18 5.27
C ILE A 3 -21.34 14.72 3.99
N PRO A 4 -21.32 15.58 2.95
CA PRO A 4 -20.69 15.25 1.67
C PRO A 4 -19.17 15.26 1.75
N VAL A 5 -18.63 16.20 2.53
CA VAL A 5 -17.20 16.33 2.71
C VAL A 5 -16.60 15.05 3.29
N LYS A 6 -17.35 14.40 4.18
CA LYS A 6 -16.88 13.17 4.80
C LYS A 6 -16.70 12.06 3.76
N ALA A 7 -17.58 12.06 2.76
CA ALA A 7 -17.51 11.05 1.70
C ALA A 7 -16.20 11.17 0.93
N ILE A 8 -15.84 12.39 0.57
CA ILE A 8 -14.60 12.64 -0.17
C ILE A 8 -13.38 12.35 0.69
N LYS A 9 -13.41 12.85 1.92
CA LYS A 9 -12.31 12.66 2.85
C LYS A 9 -12.01 11.18 3.05
N GLN A 10 -13.04 10.41 3.36
CA GLN A 10 -12.89 8.98 3.58
C GLN A 10 -12.46 8.27 2.30
N ALA A 11 -13.00 8.72 1.18
CA ALA A 11 -12.67 8.14 -0.11
C ALA A 11 -11.25 8.51 -0.53
N GLY A 12 -10.82 9.72 -0.15
CA GLY A 12 -9.49 10.16 -0.48
C GLY A 12 -8.42 9.44 0.31
N LYS A 13 -8.78 9.01 1.52
CA LYS A 13 -7.85 8.30 2.38
C LYS A 13 -7.60 6.88 1.87
N VAL A 14 -8.66 6.24 1.37
CA VAL A 14 -8.55 4.90 0.84
C VAL A 14 -7.56 4.83 -0.32
N ILE A 15 -7.51 5.90 -1.11
CA ILE A 15 -6.61 5.97 -2.24
C ILE A 15 -5.16 6.09 -1.80
N GLY A 16 -4.96 6.76 -0.66
CA GLY A 16 -3.63 6.94 -0.14
C GLY A 16 -3.20 5.79 0.76
N LYS A 17 -4.12 5.31 1.59
CA LYS A 17 -3.83 4.21 2.49
C LYS A 17 -3.43 2.97 1.71
N GLY A 18 -4.04 2.78 0.54
CA GLY A 18 -3.72 1.64 -0.29
C GLY A 18 -2.37 1.79 -0.96
N LEU A 19 -2.05 3.02 -1.36
CA LEU A 19 -0.78 3.28 -2.01
C LEU A 19 0.36 3.27 -0.99
N ARG A 20 0.06 3.73 0.22
CA ARG A 20 1.05 3.78 1.29
C ARG A 20 1.30 2.37 1.83
N ALA A 21 0.28 1.52 1.76
CA ALA A 21 0.39 0.15 2.24
C ALA A 21 1.20 -0.70 1.27
N ILE A 22 0.95 -0.52 -0.02
CA ILE A 22 1.65 -1.26 -1.05
C ILE A 22 3.13 -0.85 -1.09
N ASN A 23 3.40 0.39 -0.71
CA ASN A 23 4.77 0.91 -0.70
C ASN A 23 5.59 0.21 0.39
N ILE A 24 4.97 0.01 1.55
CA ILE A 24 5.66 -0.64 2.66
C ILE A 24 5.90 -2.12 2.35
N ALA A 25 4.95 -2.74 1.66
CA ALA A 25 5.06 -4.14 1.30
C ALA A 25 5.92 -4.31 0.05
N GLY A 26 5.90 -3.31 -0.82
CA GLY A 26 6.68 -3.37 -2.05
C GLY A 26 8.17 -3.30 -1.78
N THR A 27 8.55 -2.54 -0.76
CA THR A 27 9.95 -2.40 -0.40
C THR A 27 10.54 -3.72 0.05
N THR A 28 9.94 -4.31 1.07
CA THR A 28 10.40 -5.60 1.59
C THR A 28 10.38 -6.67 0.50
N HIS A 29 9.47 -6.51 -0.46
CA HIS A 29 9.35 -7.47 -1.55
C HIS A 29 10.49 -7.29 -2.55
N ASP A 30 11.10 -6.12 -2.56
CA ASP A 30 12.21 -5.83 -3.48
C ASP A 30 13.55 -5.91 -2.75
N VAL A 31 13.70 -5.09 -1.71
CA VAL A 31 14.92 -5.06 -0.93
C VAL A 31 15.33 -6.44 -0.45
N VAL A 32 14.45 -7.08 0.31
CA VAL A 32 14.73 -8.42 0.81
C VAL A 32 15.02 -9.40 -0.31
N SER A 33 14.47 -9.11 -1.49
CA SER A 33 14.68 -9.97 -2.66
C SER A 33 16.12 -9.87 -3.14
N PHE A 34 16.71 -8.70 -3.00
CA PHE A 34 18.10 -8.48 -3.42
C PHE A 34 19.06 -9.32 -2.58
N PHE A 35 18.71 -9.51 -1.31
CA PHE A 35 19.54 -10.30 -0.41
C PHE A 35 19.07 -11.74 -0.34
N ARG A 36 17.77 -11.93 -0.52
CA ARG A 36 17.18 -13.27 -0.48
C ARG A 36 16.12 -13.43 -1.57
N PRO A 37 16.55 -13.59 -2.84
CA PRO A 37 15.64 -13.76 -3.97
C PRO A 37 14.63 -14.88 -3.74
N LYS A 38 13.80 -15.13 -4.75
CA LYS A 38 12.79 -16.18 -4.66
C LYS A 38 12.78 -17.03 -5.93
N LYS A 39 13.96 -17.17 -6.55
CA LYS A 39 14.09 -17.95 -7.77
C LYS A 39 13.24 -17.37 -8.90
N LYS A 40 13.88 -16.67 -9.81
CA LYS A 40 13.18 -16.06 -10.94
C LYS A 40 13.42 -16.84 -12.23
N LYS A 41 14.60 -16.63 -12.82
CA LYS A 41 14.97 -17.32 -14.05
C LYS A 41 16.10 -18.31 -13.81
N HIS A 42 15.73 -19.54 -13.49
CA HIS A 42 16.72 -20.58 -13.23
C HIS A 42 17.62 -20.21 -12.05
N GLY A 1 -27.29 4.06 9.45
CA GLY A 1 -25.89 4.36 9.87
C GLY A 1 -25.65 5.84 10.03
N LYS A 2 -24.38 6.23 10.09
CA LYS A 2 -24.00 7.63 10.24
C LYS A 2 -23.92 8.32 8.88
N ILE A 3 -23.49 9.58 8.89
CA ILE A 3 -23.37 10.35 7.66
C ILE A 3 -22.54 9.61 6.62
N PRO A 4 -23.02 9.57 5.35
CA PRO A 4 -22.31 8.88 4.28
C PRO A 4 -21.14 9.69 3.72
N VAL A 5 -21.24 11.01 3.83
CA VAL A 5 -20.20 11.90 3.35
C VAL A 5 -18.83 11.53 3.92
N LYS A 6 -18.81 11.07 5.16
CA LYS A 6 -17.57 10.68 5.81
C LYS A 6 -17.00 9.42 5.17
N ALA A 7 -17.89 8.56 4.69
CA ALA A 7 -17.47 7.32 4.04
C ALA A 7 -16.72 7.62 2.75
N ILE A 8 -17.27 8.53 1.95
CA ILE A 8 -16.65 8.91 0.69
C ILE A 8 -15.33 9.63 0.92
N LYS A 9 -15.35 10.58 1.85
CA LYS A 9 -14.16 11.35 2.17
C LYS A 9 -13.02 10.43 2.60
N GLN A 10 -13.35 9.34 3.27
CA GLN A 10 -12.35 8.38 3.71
C GLN A 10 -11.70 7.68 2.52
N ALA A 11 -12.48 7.48 1.46
CA ALA A 11 -11.98 6.82 0.26
C ALA A 11 -10.87 7.64 -0.37
N GLY A 12 -11.03 8.96 -0.38
CA GLY A 12 -10.02 9.84 -0.94
C GLY A 12 -8.75 9.84 -0.13
N LYS A 13 -8.88 9.61 1.18
CA LYS A 13 -7.73 9.58 2.07
C LYS A 13 -6.87 8.34 1.80
N VAL A 14 -7.54 7.23 1.54
CA VAL A 14 -6.85 5.97 1.26
C VAL A 14 -5.93 6.11 0.06
N ILE A 15 -6.28 7.02 -0.85
CA ILE A 15 -5.48 7.25 -2.05
C ILE A 15 -4.07 7.71 -1.67
N GLY A 16 -3.99 8.58 -0.68
CA GLY A 16 -2.70 9.08 -0.24
C GLY A 16 -1.92 8.04 0.53
N LYS A 17 -2.54 7.49 1.57
CA LYS A 17 -1.89 6.47 2.39
C LYS A 17 -1.52 5.27 1.54
N GLY A 18 -2.35 4.97 0.56
CA GLY A 18 -2.09 3.84 -0.32
C GLY A 18 -0.94 4.12 -1.27
N LEU A 19 -0.83 5.37 -1.70
CA LEU A 19 0.23 5.77 -2.61
C LEU A 19 1.58 5.78 -1.89
N ARG A 20 1.56 6.20 -0.63
CA ARG A 20 2.78 6.25 0.16
C ARG A 20 3.23 4.84 0.55
N ALA A 21 2.27 3.93 0.66
CA ALA A 21 2.56 2.54 1.01
C ALA A 21 3.18 1.80 -0.16
N ILE A 22 2.66 2.04 -1.36
CA ILE A 22 3.16 1.39 -2.57
C ILE A 22 4.56 1.90 -2.90
N ASN A 23 4.84 3.15 -2.53
CA ASN A 23 6.15 3.74 -2.79
C ASN A 23 7.23 3.06 -1.94
N ILE A 24 6.86 2.68 -0.73
CA ILE A 24 7.79 2.02 0.18
C ILE A 24 7.67 0.50 0.08
N ALA A 25 6.49 0.04 -0.30
CA ALA A 25 6.25 -1.40 -0.44
C ALA A 25 7.21 -2.03 -1.43
N GLY A 26 7.57 -1.28 -2.46
CA GLY A 26 8.48 -1.79 -3.46
C GLY A 26 9.82 -2.19 -2.87
N THR A 27 10.19 -1.56 -1.76
CA THR A 27 11.45 -1.86 -1.11
C THR A 27 11.33 -3.11 -0.23
N THR A 28 10.38 -3.08 0.70
CA THR A 28 10.17 -4.22 1.59
C THR A 28 9.88 -5.49 0.80
N HIS A 29 9.17 -5.34 -0.31
CA HIS A 29 8.84 -6.48 -1.16
C HIS A 29 10.11 -7.12 -1.73
N ASP A 30 11.13 -6.30 -1.95
CA ASP A 30 12.40 -6.79 -2.48
C ASP A 30 13.14 -7.62 -1.44
N VAL A 31 13.36 -7.02 -0.27
CA VAL A 31 14.06 -7.68 0.81
C VAL A 31 13.41 -9.02 1.15
N VAL A 32 12.08 -9.04 1.14
CA VAL A 32 11.34 -10.26 1.44
C VAL A 32 11.54 -11.31 0.36
N SER A 33 11.70 -10.86 -0.88
CA SER A 33 11.91 -11.76 -2.01
C SER A 33 13.26 -12.44 -1.90
N PHE A 34 14.26 -11.69 -1.43
CA PHE A 34 15.61 -12.22 -1.27
C PHE A 34 15.61 -13.40 -0.30
N PHE A 35 14.72 -13.35 0.68
CA PHE A 35 14.62 -14.40 1.68
C PHE A 35 13.73 -15.53 1.17
N ARG A 36 12.75 -15.18 0.33
CA ARG A 36 11.84 -16.17 -0.23
C ARG A 36 12.42 -16.79 -1.50
N PRO A 37 11.80 -17.87 -2.00
CA PRO A 37 12.26 -18.56 -3.20
C PRO A 37 11.80 -17.87 -4.48
N LYS A 38 10.51 -17.57 -4.56
CA LYS A 38 9.94 -16.92 -5.73
C LYS A 38 8.42 -16.90 -5.65
N LYS A 39 7.82 -15.73 -5.93
CA LYS A 39 6.37 -15.59 -5.88
C LYS A 39 5.78 -15.70 -7.28
N LYS A 40 4.62 -16.35 -7.38
CA LYS A 40 3.94 -16.52 -8.65
C LYS A 40 2.75 -15.58 -8.77
N LYS A 41 2.09 -15.32 -7.64
CA LYS A 41 0.94 -14.44 -7.61
C LYS A 41 1.28 -13.10 -6.96
N HIS A 42 0.87 -12.02 -7.60
CA HIS A 42 1.13 -10.67 -7.08
C HIS A 42 -0.09 -10.13 -6.35
N GLY A 1 -25.75 12.31 -8.34
CA GLY A 1 -26.20 11.03 -7.72
C GLY A 1 -25.62 10.82 -6.33
N LYS A 2 -24.46 11.41 -6.08
CA LYS A 2 -23.80 11.30 -4.79
C LYS A 2 -23.98 12.57 -3.97
N ILE A 3 -24.75 12.47 -2.89
CA ILE A 3 -25.01 13.61 -2.02
C ILE A 3 -23.91 13.75 -0.96
N PRO A 4 -23.63 12.66 -0.22
CA PRO A 4 -22.60 12.67 0.83
C PRO A 4 -21.20 12.82 0.26
N VAL A 5 -20.92 13.99 -0.31
CA VAL A 5 -19.62 14.26 -0.91
C VAL A 5 -18.50 14.02 0.11
N LYS A 6 -18.77 14.30 1.37
CA LYS A 6 -17.79 14.11 2.42
C LYS A 6 -17.41 12.63 2.55
N ALA A 7 -18.39 11.77 2.32
CA ALA A 7 -18.16 10.33 2.40
C ALA A 7 -17.12 9.88 1.39
N ILE A 8 -17.32 10.29 0.14
CA ILE A 8 -16.39 9.94 -0.93
C ILE A 8 -15.00 10.50 -0.66
N LYS A 9 -14.96 11.77 -0.26
CA LYS A 9 -13.70 12.44 0.04
C LYS A 9 -12.95 11.70 1.15
N GLN A 10 -13.69 11.18 2.12
CA GLN A 10 -13.09 10.45 3.22
C GLN A 10 -12.59 9.09 2.77
N ALA A 11 -13.31 8.49 1.82
CA ALA A 11 -12.93 7.19 1.29
C ALA A 11 -11.67 7.29 0.44
N GLY A 12 -11.51 8.40 -0.25
CA GLY A 12 -10.35 8.60 -1.09
C GLY A 12 -9.09 8.80 -0.28
N LYS A 13 -9.25 9.35 0.92
CA LYS A 13 -8.11 9.58 1.81
C LYS A 13 -7.58 8.27 2.37
N VAL A 14 -8.50 7.38 2.73
CA VAL A 14 -8.12 6.08 3.28
C VAL A 14 -7.24 5.31 2.30
N ILE A 15 -7.44 5.54 1.02
CA ILE A 15 -6.65 4.88 -0.02
C ILE A 15 -5.19 5.28 0.06
N GLY A 16 -4.94 6.57 0.33
CA GLY A 16 -3.59 7.05 0.43
C GLY A 16 -2.80 6.36 1.53
N LYS A 17 -3.48 6.07 2.64
CA LYS A 17 -2.83 5.41 3.77
C LYS A 17 -2.25 4.07 3.33
N GLY A 18 -2.96 3.37 2.46
CA GLY A 18 -2.48 2.10 1.97
C GLY A 18 -1.24 2.24 1.11
N LEU A 19 -1.21 3.31 0.31
CA LEU A 19 -0.08 3.58 -0.57
C LEU A 19 1.17 3.83 0.27
N ARG A 20 1.01 4.57 1.36
CA ARG A 20 2.13 4.88 2.24
C ARG A 20 2.72 3.61 2.83
N ALA A 21 1.86 2.63 3.09
CA ALA A 21 2.30 1.35 3.64
C ALA A 21 3.03 0.53 2.59
N ILE A 22 2.52 0.57 1.37
CA ILE A 22 3.12 -0.16 0.26
C ILE A 22 4.50 0.41 -0.08
N ASN A 23 4.70 1.69 0.24
CA ASN A 23 5.97 2.36 -0.03
C ASN A 23 7.08 1.81 0.87
N ILE A 24 6.75 1.64 2.15
CA ILE A 24 7.71 1.12 3.12
C ILE A 24 7.90 -0.39 2.97
N ALA A 25 6.85 -1.06 2.48
CA ALA A 25 6.90 -2.50 2.28
C ALA A 25 7.45 -2.84 0.90
N GLY A 26 7.21 -1.95 -0.06
CA GLY A 26 7.69 -2.17 -1.42
C GLY A 26 9.19 -2.31 -1.48
N THR A 27 9.90 -1.52 -0.68
CA THR A 27 11.35 -1.57 -0.65
C THR A 27 11.84 -2.90 -0.09
N THR A 28 11.24 -3.32 1.01
CA THR A 28 11.60 -4.58 1.65
C THR A 28 11.21 -5.75 0.76
N HIS A 29 10.10 -5.61 0.04
CA HIS A 29 9.63 -6.66 -0.85
C HIS A 29 10.60 -6.85 -2.02
N ASP A 30 11.25 -5.76 -2.42
CA ASP A 30 12.21 -5.81 -3.52
C ASP A 30 13.43 -6.64 -3.12
N VAL A 31 14.01 -6.29 -1.98
CA VAL A 31 15.18 -7.00 -1.47
C VAL A 31 14.93 -8.50 -1.37
N VAL A 32 13.83 -8.85 -0.73
CA VAL A 32 13.45 -10.26 -0.57
C VAL A 32 13.20 -10.91 -1.92
N SER A 33 12.73 -10.12 -2.88
CA SER A 33 12.46 -10.62 -4.22
C SER A 33 13.75 -11.00 -4.93
N PHE A 34 14.81 -10.26 -4.65
CA PHE A 34 16.11 -10.53 -5.27
C PHE A 34 16.63 -11.90 -4.86
N PHE A 35 16.29 -12.31 -3.64
CA PHE A 35 16.71 -13.61 -3.13
C PHE A 35 15.63 -14.66 -3.36
N ARG A 36 14.38 -14.23 -3.32
CA ARG A 36 13.26 -15.13 -3.52
C ARG A 36 12.15 -14.46 -4.34
N PRO A 37 12.17 -14.63 -5.67
CA PRO A 37 11.18 -14.04 -6.56
C PRO A 37 9.78 -14.63 -6.35
N LYS A 38 8.76 -13.83 -6.60
CA LYS A 38 7.38 -14.27 -6.45
C LYS A 38 6.43 -13.38 -7.24
N LYS A 39 5.68 -13.98 -8.16
CA LYS A 39 4.73 -13.24 -8.98
C LYS A 39 3.43 -12.99 -8.22
N LYS A 40 2.99 -11.74 -8.21
CA LYS A 40 1.76 -11.38 -7.52
C LYS A 40 0.61 -11.23 -8.51
N LYS A 41 -0.30 -12.20 -8.52
CA LYS A 41 -1.44 -12.18 -9.42
C LYS A 41 -2.66 -11.58 -8.72
N HIS A 42 -3.00 -12.13 -7.57
CA HIS A 42 -4.15 -11.66 -6.80
C HIS A 42 -3.83 -11.59 -5.31
N GLY A 1 -27.32 20.72 5.05
CA GLY A 1 -27.22 20.32 6.48
C GLY A 1 -25.78 20.14 6.94
N LYS A 2 -25.36 18.89 7.06
CA LYS A 2 -24.00 18.58 7.49
C LYS A 2 -23.02 18.67 6.32
N ILE A 3 -21.79 19.05 6.61
CA ILE A 3 -20.76 19.18 5.59
C ILE A 3 -20.60 17.88 4.79
N PRO A 4 -21.05 17.86 3.52
CA PRO A 4 -20.95 16.68 2.66
C PRO A 4 -19.50 16.37 2.27
N VAL A 5 -18.66 17.40 2.27
CA VAL A 5 -17.26 17.25 1.90
C VAL A 5 -16.58 16.17 2.74
N LYS A 6 -17.05 15.99 3.97
CA LYS A 6 -16.48 14.98 4.85
C LYS A 6 -16.60 13.59 4.26
N ALA A 7 -17.72 13.35 3.55
CA ALA A 7 -17.95 12.06 2.93
C ALA A 7 -16.86 11.74 1.91
N ILE A 8 -16.64 12.66 0.98
CA ILE A 8 -15.62 12.48 -0.04
C ILE A 8 -14.25 12.34 0.59
N LYS A 9 -13.97 13.19 1.57
CA LYS A 9 -12.68 13.17 2.26
C LYS A 9 -12.40 11.80 2.85
N GLN A 10 -13.45 11.13 3.31
CA GLN A 10 -13.32 9.81 3.90
C GLN A 10 -13.04 8.77 2.83
N ALA A 11 -13.67 8.94 1.66
CA ALA A 11 -13.47 8.02 0.55
C ALA A 11 -12.08 8.17 -0.04
N GLY A 12 -11.56 9.39 -0.01
CA GLY A 12 -10.24 9.64 -0.54
C GLY A 12 -9.15 8.99 0.30
N LYS A 13 -9.38 8.93 1.61
CA LYS A 13 -8.42 8.33 2.52
C LYS A 13 -8.29 6.84 2.25
N VAL A 14 -9.40 6.18 1.96
CA VAL A 14 -9.42 4.76 1.68
C VAL A 14 -8.51 4.43 0.49
N ILE A 15 -8.42 5.36 -0.45
CA ILE A 15 -7.59 5.18 -1.64
C ILE A 15 -6.11 5.26 -1.29
N GLY A 16 -5.79 6.15 -0.35
CA GLY A 16 -4.40 6.31 0.07
C GLY A 16 -3.90 5.14 0.89
N LYS A 17 -4.81 4.46 1.56
CA LYS A 17 -4.45 3.30 2.39
C LYS A 17 -3.75 2.24 1.56
N GLY A 18 -4.30 1.97 0.38
CA GLY A 18 -3.73 0.98 -0.50
C GLY A 18 -2.37 1.41 -1.02
N LEU A 19 -2.22 2.70 -1.29
CA LEU A 19 -0.97 3.24 -1.79
C LEU A 19 0.12 3.16 -0.72
N ARG A 20 -0.30 3.27 0.54
CA ARG A 20 0.64 3.21 1.66
C ARG A 20 1.19 1.80 1.82
N ALA A 21 0.34 0.81 1.58
CA ALA A 21 0.74 -0.58 1.70
C ALA A 21 1.67 -0.97 0.56
N ILE A 22 1.34 -0.52 -0.65
CA ILE A 22 2.14 -0.82 -1.83
C ILE A 22 3.49 -0.12 -1.74
N ASN A 23 3.53 1.02 -1.05
CA ASN A 23 4.76 1.78 -0.89
C ASN A 23 5.75 1.03 -0.02
N ILE A 24 5.24 0.37 1.02
CA ILE A 24 6.09 -0.39 1.93
C ILE A 24 6.41 -1.77 1.36
N ALA A 25 5.48 -2.32 0.58
CA ALA A 25 5.66 -3.63 -0.02
C ALA A 25 6.76 -3.59 -1.08
N GLY A 26 6.88 -2.46 -1.76
CA GLY A 26 7.89 -2.32 -2.79
C GLY A 26 9.30 -2.41 -2.23
N THR A 27 9.47 -1.93 -1.01
CA THR A 27 10.78 -1.95 -0.35
C THR A 27 11.14 -3.38 0.07
N THR A 28 10.21 -4.04 0.74
CA THR A 28 10.42 -5.41 1.20
C THR A 28 10.74 -6.33 0.02
N HIS A 29 10.09 -6.09 -1.10
CA HIS A 29 10.30 -6.89 -2.30
C HIS A 29 11.76 -6.81 -2.76
N ASP A 30 12.40 -5.68 -2.47
CA ASP A 30 13.79 -5.48 -2.84
C ASP A 30 14.73 -6.12 -1.83
N VAL A 31 14.54 -5.76 -0.56
CA VAL A 31 15.37 -6.30 0.52
C VAL A 31 15.41 -7.82 0.47
N VAL A 32 14.29 -8.44 0.15
CA VAL A 32 14.20 -9.89 0.08
C VAL A 32 14.95 -10.42 -1.15
N SER A 33 14.94 -9.64 -2.21
CA SER A 33 15.62 -10.03 -3.45
C SER A 33 17.13 -9.93 -3.28
N PHE A 34 17.58 -9.01 -2.44
CA PHE A 34 19.01 -8.82 -2.20
C PHE A 34 19.59 -10.01 -1.44
N PHE A 35 18.79 -10.59 -0.55
CA PHE A 35 19.23 -11.73 0.23
C PHE A 35 18.90 -13.04 -0.49
N ARG A 36 17.81 -13.03 -1.24
CA ARG A 36 17.39 -14.22 -1.99
C ARG A 36 17.26 -13.90 -3.47
N PRO A 37 18.32 -13.35 -4.09
CA PRO A 37 18.33 -13.01 -5.52
C PRO A 37 18.38 -14.25 -6.41
N LYS A 38 17.35 -15.07 -6.32
CA LYS A 38 17.28 -16.29 -7.12
C LYS A 38 16.40 -16.09 -8.35
N LYS A 39 16.39 -14.86 -8.86
CA LYS A 39 15.58 -14.54 -10.04
C LYS A 39 16.34 -14.85 -11.32
N LYS A 40 17.66 -14.74 -11.26
CA LYS A 40 18.50 -15.01 -12.42
C LYS A 40 18.93 -16.47 -12.47
N LYS A 41 19.28 -16.94 -13.66
CA LYS A 41 19.71 -18.33 -13.86
C LYS A 41 18.84 -19.31 -13.07
N HIS A 42 17.78 -19.80 -13.72
CA HIS A 42 16.86 -20.74 -13.10
C HIS A 42 17.46 -22.14 -13.06
N GLY A 1 -28.23 8.20 10.16
CA GLY A 1 -28.90 8.41 8.85
C GLY A 1 -28.11 9.30 7.92
N LYS A 2 -27.48 10.33 8.47
CA LYS A 2 -26.67 11.24 7.68
C LYS A 2 -25.20 10.82 7.68
N ILE A 3 -24.66 10.59 6.49
CA ILE A 3 -23.27 10.17 6.35
C ILE A 3 -22.33 11.22 6.93
N PRO A 4 -21.41 10.81 7.84
CA PRO A 4 -20.46 11.72 8.47
C PRO A 4 -19.33 12.12 7.53
N VAL A 5 -18.60 13.17 7.89
CA VAL A 5 -17.49 13.65 7.08
C VAL A 5 -16.45 12.55 6.86
N LYS A 6 -16.40 11.60 7.78
CA LYS A 6 -15.45 10.49 7.69
C LYS A 6 -15.59 9.76 6.35
N ALA A 7 -16.83 9.62 5.90
CA ALA A 7 -17.10 8.95 4.63
C ALA A 7 -16.37 9.64 3.48
N ILE A 8 -16.60 10.94 3.36
CA ILE A 8 -15.95 11.72 2.30
C ILE A 8 -14.44 11.70 2.44
N LYS A 9 -13.97 11.88 3.67
CA LYS A 9 -12.53 11.87 3.95
C LYS A 9 -11.93 10.50 3.65
N GLN A 10 -12.73 9.46 3.83
CA GLN A 10 -12.29 8.10 3.58
C GLN A 10 -12.01 7.88 2.09
N ALA A 11 -12.85 8.47 1.25
CA ALA A 11 -12.69 8.35 -0.20
C ALA A 11 -11.36 8.92 -0.66
N GLY A 12 -10.93 9.99 0.00
CA GLY A 12 -9.67 10.62 -0.35
C GLY A 12 -8.48 9.80 0.09
N LYS A 13 -8.66 9.00 1.13
CA LYS A 13 -7.59 8.16 1.65
C LYS A 13 -7.44 6.89 0.81
N VAL A 14 -8.56 6.35 0.34
CA VAL A 14 -8.53 5.15 -0.47
C VAL A 14 -7.71 5.35 -1.74
N ILE A 15 -7.73 6.57 -2.27
CA ILE A 15 -6.99 6.89 -3.47
C ILE A 15 -5.49 6.96 -3.20
N GLY A 16 -5.13 7.55 -2.06
CA GLY A 16 -3.73 7.66 -1.69
C GLY A 16 -3.19 6.39 -1.08
N LYS A 17 -4.07 5.64 -0.41
CA LYS A 17 -3.67 4.39 0.23
C LYS A 17 -3.11 3.42 -0.79
N GLY A 18 -3.70 3.42 -1.99
CA GLY A 18 -3.22 2.54 -3.04
C GLY A 18 -1.87 2.97 -3.59
N LEU A 19 -1.67 4.28 -3.69
CA LEU A 19 -0.42 4.82 -4.21
C LEU A 19 0.68 4.69 -3.15
N ARG A 20 0.30 4.85 -1.89
CA ARG A 20 1.25 4.75 -0.78
C ARG A 20 1.68 3.30 -0.58
N ALA A 21 0.77 2.37 -0.86
CA ALA A 21 1.05 0.95 -0.71
C ALA A 21 1.97 0.46 -1.82
N ILE A 22 1.69 0.89 -3.05
CA ILE A 22 2.48 0.50 -4.19
C ILE A 22 3.88 1.11 -4.12
N ASN A 23 3.99 2.25 -3.42
CA ASN A 23 5.27 2.92 -3.27
C ASN A 23 6.15 2.21 -2.25
N ILE A 24 5.55 1.85 -1.12
CA ILE A 24 6.27 1.16 -0.05
C ILE A 24 6.46 -0.31 -0.38
N ALA A 25 5.54 -0.87 -1.17
CA ALA A 25 5.61 -2.26 -1.56
C ALA A 25 6.93 -2.58 -2.25
N GLY A 26 7.48 -1.58 -2.94
CA GLY A 26 8.74 -1.77 -3.64
C GLY A 26 9.91 -1.92 -2.69
N THR A 27 9.83 -1.25 -1.55
CA THR A 27 10.89 -1.31 -0.55
C THR A 27 10.83 -2.63 0.23
N THR A 28 9.63 -2.98 0.68
CA THR A 28 9.44 -4.21 1.44
C THR A 28 9.86 -5.42 0.61
N HIS A 29 9.69 -5.33 -0.70
CA HIS A 29 10.06 -6.41 -1.60
C HIS A 29 11.56 -6.70 -1.51
N ASP A 30 12.34 -5.65 -1.26
CA ASP A 30 13.78 -5.79 -1.14
C ASP A 30 14.15 -6.58 0.11
N VAL A 31 13.66 -6.11 1.25
CA VAL A 31 13.91 -6.76 2.53
C VAL A 31 13.55 -8.24 2.48
N VAL A 32 12.42 -8.54 1.84
CA VAL A 32 11.95 -9.91 1.71
C VAL A 32 12.87 -10.71 0.79
N SER A 33 13.44 -10.02 -0.20
CA SER A 33 14.34 -10.66 -1.15
C SER A 33 15.62 -11.11 -0.45
N PHE A 34 16.03 -10.35 0.57
CA PHE A 34 17.24 -10.67 1.33
C PHE A 34 17.11 -12.04 1.98
N PHE A 35 15.94 -12.33 2.52
CA PHE A 35 15.69 -13.61 3.18
C PHE A 35 15.50 -14.71 2.15
N ARG A 36 14.96 -14.35 0.99
CA ARG A 36 14.72 -15.31 -0.09
C ARG A 36 15.98 -15.49 -0.94
N PRO A 37 16.00 -16.53 -1.80
CA PRO A 37 17.15 -16.80 -2.67
C PRO A 37 17.37 -15.70 -3.69
N LYS A 38 18.24 -15.96 -4.66
CA LYS A 38 18.54 -14.99 -5.71
C LYS A 38 18.68 -15.67 -7.07
N LYS A 39 17.71 -15.43 -7.95
CA LYS A 39 17.72 -16.03 -9.28
C LYS A 39 17.72 -17.55 -9.20
N LYS A 40 16.89 -18.09 -8.32
CA LYS A 40 16.80 -19.54 -8.14
C LYS A 40 15.66 -20.12 -8.98
N LYS A 41 16.02 -20.91 -9.99
CA LYS A 41 15.03 -21.52 -10.87
C LYS A 41 14.18 -22.54 -10.11
N HIS A 42 12.87 -22.52 -10.35
CA HIS A 42 11.96 -23.44 -9.69
C HIS A 42 11.35 -24.41 -10.69
N GLY A 1 -29.90 9.85 -9.49
CA GLY A 1 -28.98 9.67 -8.33
C GLY A 1 -27.57 10.17 -8.61
N LYS A 2 -26.80 10.38 -7.55
CA LYS A 2 -25.44 10.87 -7.69
C LYS A 2 -24.56 10.36 -6.55
N ILE A 3 -23.53 9.59 -6.90
CA ILE A 3 -22.61 9.04 -5.93
C ILE A 3 -21.96 10.15 -5.10
N PRO A 4 -22.31 10.27 -3.81
CA PRO A 4 -21.74 11.29 -2.93
C PRO A 4 -20.22 11.31 -2.96
N VAL A 5 -19.66 12.32 -3.63
CA VAL A 5 -18.21 12.45 -3.75
C VAL A 5 -17.55 12.51 -2.38
N LYS A 6 -18.29 13.05 -1.39
CA LYS A 6 -17.76 13.16 -0.04
C LYS A 6 -17.45 11.79 0.55
N ALA A 7 -18.31 10.82 0.25
CA ALA A 7 -18.12 9.46 0.74
C ALA A 7 -16.79 8.90 0.27
N ILE A 8 -16.56 8.97 -1.04
CA ILE A 8 -15.32 8.48 -1.63
C ILE A 8 -14.12 9.28 -1.15
N LYS A 9 -14.28 10.59 -1.13
CA LYS A 9 -13.21 11.49 -0.69
C LYS A 9 -12.60 11.04 0.63
N GLN A 10 -13.44 10.87 1.64
CA GLN A 10 -12.98 10.44 2.95
C GLN A 10 -12.31 9.07 2.88
N ALA A 11 -12.87 8.19 2.06
CA ALA A 11 -12.31 6.85 1.90
C ALA A 11 -10.98 6.91 1.16
N GLY A 12 -10.88 7.83 0.21
CA GLY A 12 -9.66 7.98 -0.54
C GLY A 12 -8.50 8.46 0.32
N LYS A 13 -8.83 9.24 1.34
CA LYS A 13 -7.82 9.77 2.24
C LYS A 13 -7.17 8.64 3.04
N VAL A 14 -7.98 7.71 3.51
CA VAL A 14 -7.50 6.57 4.27
C VAL A 14 -6.53 5.73 3.44
N ILE A 15 -6.79 5.64 2.14
CA ILE A 15 -5.94 4.88 1.25
C ILE A 15 -4.54 5.47 1.19
N GLY A 16 -4.47 6.80 1.17
CA GLY A 16 -3.18 7.46 1.14
C GLY A 16 -2.32 7.12 2.33
N LYS A 17 -2.91 7.17 3.52
CA LYS A 17 -2.19 6.84 4.75
C LYS A 17 -1.71 5.41 4.71
N GLY A 18 -2.57 4.51 4.25
CA GLY A 18 -2.20 3.11 4.15
C GLY A 18 -1.16 2.88 3.08
N LEU A 19 -1.25 3.66 2.01
CA LEU A 19 -0.30 3.55 0.90
C LEU A 19 1.10 3.96 1.35
N ARG A 20 1.16 4.98 2.20
CA ARG A 20 2.44 5.46 2.72
C ARG A 20 3.17 4.36 3.46
N ALA A 21 2.41 3.54 4.17
CA ALA A 21 2.99 2.43 4.92
C ALA A 21 3.39 1.30 3.98
N ILE A 22 2.55 1.06 2.98
CA ILE A 22 2.82 0.01 2.00
C ILE A 22 4.01 0.39 1.13
N ASN A 23 4.24 1.69 0.98
CA ASN A 23 5.35 2.18 0.18
C ASN A 23 6.69 1.81 0.83
N ILE A 24 6.72 1.86 2.16
CA ILE A 24 7.94 1.53 2.90
C ILE A 24 8.14 0.02 2.97
N ALA A 25 7.08 -0.70 3.32
CA ALA A 25 7.12 -2.15 3.42
C ALA A 25 7.23 -2.79 2.04
N GLY A 26 6.66 -2.13 1.04
CA GLY A 26 6.70 -2.64 -0.31
C GLY A 26 8.11 -2.65 -0.88
N THR A 27 8.91 -1.67 -0.48
CA THR A 27 10.29 -1.56 -0.96
C THR A 27 11.08 -2.81 -0.58
N THR A 28 11.07 -3.15 0.71
CA THR A 28 11.79 -4.31 1.20
C THR A 28 11.27 -5.58 0.53
N HIS A 29 9.96 -5.61 0.28
CA HIS A 29 9.33 -6.76 -0.37
C HIS A 29 9.90 -6.96 -1.77
N ASP A 30 10.28 -5.86 -2.41
CA ASP A 30 10.84 -5.92 -3.76
C ASP A 30 12.19 -6.61 -3.73
N VAL A 31 13.08 -6.11 -2.88
CA VAL A 31 14.42 -6.67 -2.75
C VAL A 31 14.37 -8.18 -2.53
N VAL A 32 13.42 -8.62 -1.73
CA VAL A 32 13.25 -10.04 -1.44
C VAL A 32 12.72 -10.79 -2.65
N SER A 33 11.94 -10.08 -3.48
CA SER A 33 11.36 -10.67 -4.67
C SER A 33 12.44 -10.90 -5.73
N PHE A 34 13.43 -10.03 -5.75
CA PHE A 34 14.53 -10.13 -6.71
C PHE A 34 15.34 -11.40 -6.46
N PHE A 35 15.42 -11.80 -5.20
CA PHE A 35 16.16 -13.01 -4.83
C PHE A 35 15.27 -14.24 -4.88
N ARG A 36 13.97 -14.03 -4.70
CA ARG A 36 13.00 -15.12 -4.72
C ARG A 36 13.06 -15.87 -6.05
N PRO A 37 12.29 -16.96 -6.18
CA PRO A 37 12.24 -17.77 -7.40
C PRO A 37 11.79 -16.97 -8.62
N LYS A 38 11.19 -15.81 -8.37
CA LYS A 38 10.71 -14.95 -9.45
C LYS A 38 9.57 -15.64 -10.22
N LYS A 39 8.66 -16.27 -9.48
CA LYS A 39 7.53 -16.95 -10.09
C LYS A 39 6.61 -17.53 -9.03
N LYS A 40 7.20 -18.07 -7.96
CA LYS A 40 6.43 -18.65 -6.87
C LYS A 40 6.25 -17.66 -5.74
N LYS A 41 5.00 -17.30 -5.46
CA LYS A 41 4.69 -16.36 -4.40
C LYS A 41 5.08 -16.91 -3.04
N HIS A 42 5.40 -16.02 -2.11
CA HIS A 42 5.79 -16.42 -0.76
C HIS A 42 7.06 -17.28 -0.80
N GLY A 1 -20.82 4.39 -3.37
CA GLY A 1 -22.14 4.97 -2.96
C GLY A 1 -22.03 5.85 -1.73
N LYS A 2 -22.69 5.44 -0.66
CA LYS A 2 -22.66 6.19 0.59
C LYS A 2 -23.25 7.59 0.40
N ILE A 3 -24.42 7.82 0.99
CA ILE A 3 -25.08 9.10 0.89
C ILE A 3 -24.22 10.24 1.43
N PRO A 4 -23.69 10.10 2.67
CA PRO A 4 -22.86 11.14 3.28
C PRO A 4 -21.54 11.32 2.54
N VAL A 5 -21.26 12.56 2.13
CA VAL A 5 -20.04 12.88 1.41
C VAL A 5 -18.80 12.49 2.22
N LYS A 6 -18.92 12.48 3.54
CA LYS A 6 -17.81 12.13 4.41
C LYS A 6 -17.37 10.69 4.16
N ALA A 7 -18.34 9.81 3.92
CA ALA A 7 -18.04 8.41 3.66
C ALA A 7 -17.13 8.27 2.45
N ILE A 8 -17.53 8.87 1.33
CA ILE A 8 -16.75 8.82 0.10
C ILE A 8 -15.41 9.52 0.28
N LYS A 9 -15.46 10.69 0.91
CA LYS A 9 -14.26 11.49 1.15
C LYS A 9 -13.21 10.67 1.90
N GLN A 10 -13.67 9.79 2.78
CA GLN A 10 -12.77 8.95 3.55
C GLN A 10 -12.04 7.96 2.65
N ALA A 11 -12.73 7.51 1.60
CA ALA A 11 -12.14 6.56 0.66
C ALA A 11 -11.01 7.21 -0.12
N GLY A 12 -11.21 8.47 -0.50
CA GLY A 12 -10.19 9.18 -1.24
C GLY A 12 -8.93 9.41 -0.43
N LYS A 13 -9.10 9.62 0.87
CA LYS A 13 -7.98 9.84 1.77
C LYS A 13 -7.12 8.58 1.87
N VAL A 14 -7.78 7.43 1.92
CA VAL A 14 -7.08 6.16 2.02
C VAL A 14 -6.12 5.97 0.85
N ILE A 15 -6.44 6.60 -0.29
CA ILE A 15 -5.60 6.51 -1.47
C ILE A 15 -4.20 7.04 -1.19
N GLY A 16 -4.14 8.15 -0.46
CA GLY A 16 -2.85 8.74 -0.13
C GLY A 16 -2.05 7.87 0.82
N LYS A 17 -2.69 7.50 1.94
CA LYS A 17 -2.03 6.66 2.93
C LYS A 17 -1.60 5.33 2.31
N GLY A 18 -2.43 4.82 1.41
CA GLY A 18 -2.12 3.56 0.76
C GLY A 18 -0.96 3.71 -0.21
N LEU A 19 -0.87 4.87 -0.85
CA LEU A 19 0.21 5.13 -1.79
C LEU A 19 1.54 5.26 -1.06
N ARG A 20 1.52 5.93 0.10
CA ARG A 20 2.72 6.12 0.89
C ARG A 20 3.16 4.79 1.51
N ALA A 21 2.21 3.90 1.76
CA ALA A 21 2.50 2.60 2.33
C ALA A 21 3.15 1.69 1.31
N ILE A 22 2.64 1.72 0.08
CA ILE A 22 3.18 0.90 -1.00
C ILE A 22 4.60 1.33 -1.34
N ASN A 23 4.88 2.62 -1.17
CA ASN A 23 6.21 3.15 -1.46
C ASN A 23 7.24 2.56 -0.51
N ILE A 24 6.85 2.36 0.74
CA ILE A 24 7.75 1.79 1.74
C ILE A 24 7.70 0.27 1.69
N ALA A 25 6.55 -0.28 1.34
CA ALA A 25 6.38 -1.73 1.26
C ALA A 25 7.04 -2.28 0.00
N GLY A 26 7.09 -1.47 -1.05
CA GLY A 26 7.69 -1.90 -2.30
C GLY A 26 9.14 -2.32 -2.12
N THR A 27 9.84 -1.64 -1.20
CA THR A 27 11.24 -1.93 -0.93
C THR A 27 11.37 -3.25 -0.18
N THR A 28 10.54 -3.43 0.85
CA THR A 28 10.57 -4.65 1.64
C THR A 28 10.22 -5.86 0.78
N HIS A 29 9.31 -5.66 -0.16
CA HIS A 29 8.89 -6.74 -1.05
C HIS A 29 10.06 -7.24 -1.89
N ASP A 30 10.99 -6.34 -2.20
CA ASP A 30 12.16 -6.68 -2.98
C ASP A 30 13.10 -7.60 -2.19
N VAL A 31 13.47 -7.16 -1.00
CA VAL A 31 14.35 -7.92 -0.13
C VAL A 31 13.86 -9.36 0.02
N VAL A 32 12.55 -9.52 0.15
CA VAL A 32 11.95 -10.84 0.30
C VAL A 32 12.11 -11.66 -0.96
N SER A 33 12.10 -10.99 -2.11
CA SER A 33 12.25 -11.65 -3.40
C SER A 33 13.70 -12.05 -3.65
N PHE A 34 14.62 -11.25 -3.12
CA PHE A 34 16.04 -11.51 -3.29
C PHE A 34 16.49 -12.64 -2.36
N PHE A 35 15.89 -12.72 -1.19
CA PHE A 35 16.23 -13.76 -0.21
C PHE A 35 15.48 -15.05 -0.52
N ARG A 36 14.17 -14.96 -0.68
CA ARG A 36 13.35 -16.12 -0.97
C ARG A 36 13.44 -17.15 0.15
N PRO A 37 12.32 -17.40 0.86
CA PRO A 37 12.30 -18.37 1.96
C PRO A 37 12.47 -19.81 1.48
N LYS A 38 13.46 -20.50 2.02
CA LYS A 38 13.72 -21.89 1.63
C LYS A 38 12.56 -22.78 2.03
N LYS A 39 12.37 -22.96 3.34
CA LYS A 39 11.30 -23.80 3.85
C LYS A 39 10.00 -23.02 3.97
N LYS A 40 8.89 -23.66 3.60
CA LYS A 40 7.58 -23.02 3.65
C LYS A 40 7.02 -23.06 5.07
N LYS A 41 7.30 -22.02 5.85
CA LYS A 41 6.83 -21.94 7.23
C LYS A 41 6.46 -20.51 7.60
N HIS A 42 5.31 -20.34 8.23
CA HIS A 42 4.84 -19.02 8.64
C HIS A 42 4.42 -19.02 10.10
N GLY A 1 -29.50 20.90 6.01
CA GLY A 1 -28.55 20.11 5.17
C GLY A 1 -27.58 19.30 6.01
N LYS A 2 -26.83 18.43 5.34
CA LYS A 2 -25.85 17.59 6.03
C LYS A 2 -24.50 17.67 5.34
N ILE A 3 -23.45 17.87 6.14
CA ILE A 3 -22.09 17.97 5.61
C ILE A 3 -21.30 16.70 5.92
N PRO A 4 -21.55 15.61 5.16
CA PRO A 4 -20.86 14.34 5.35
C PRO A 4 -19.39 14.41 4.93
N VAL A 5 -18.62 15.26 5.60
CA VAL A 5 -17.21 15.42 5.30
C VAL A 5 -16.45 14.11 5.52
N LYS A 6 -16.83 13.39 6.57
CA LYS A 6 -16.18 12.13 6.89
C LYS A 6 -16.35 11.13 5.75
N ALA A 7 -17.50 11.17 5.09
CA ALA A 7 -17.78 10.28 3.98
C ALA A 7 -16.76 10.48 2.87
N ILE A 8 -16.56 11.74 2.48
CA ILE A 8 -15.63 12.07 1.42
C ILE A 8 -14.19 11.82 1.86
N LYS A 9 -13.86 12.27 3.07
CA LYS A 9 -12.53 12.10 3.62
C LYS A 9 -12.16 10.63 3.73
N GLN A 10 -13.15 9.80 4.04
CA GLN A 10 -12.94 8.36 4.17
C GLN A 10 -12.58 7.75 2.82
N ALA A 11 -13.21 8.23 1.77
CA ALA A 11 -12.96 7.74 0.42
C ALA A 11 -11.55 8.10 -0.04
N GLY A 12 -11.11 9.30 0.34
CA GLY A 12 -9.79 9.75 -0.03
C GLY A 12 -8.70 8.91 0.60
N LYS A 13 -8.98 8.37 1.78
CA LYS A 13 -8.02 7.54 2.49
C LYS A 13 -7.79 6.22 1.74
N VAL A 14 -8.87 5.60 1.29
CA VAL A 14 -8.78 4.35 0.56
C VAL A 14 -7.97 4.52 -0.72
N ILE A 15 -8.13 5.66 -1.37
CA ILE A 15 -7.42 5.95 -2.60
C ILE A 15 -5.94 6.25 -2.32
N GLY A 16 -5.68 6.84 -1.16
CA GLY A 16 -4.32 7.16 -0.79
C GLY A 16 -3.57 5.96 -0.23
N LYS A 17 -4.29 5.09 0.47
CA LYS A 17 -3.68 3.90 1.06
C LYS A 17 -3.05 3.04 -0.02
N GLY A 18 -3.68 3.00 -1.19
CA GLY A 18 -3.16 2.22 -2.29
C GLY A 18 -1.88 2.79 -2.85
N LEU A 19 -1.81 4.12 -2.91
CA LEU A 19 -0.63 4.80 -3.43
C LEU A 19 0.56 4.61 -2.49
N ARG A 20 0.28 4.57 -1.19
CA ARG A 20 1.32 4.39 -0.19
C ARG A 20 1.81 2.94 -0.19
N ALA A 21 0.92 2.02 -0.57
CA ALA A 21 1.26 0.60 -0.62
C ALA A 21 2.14 0.30 -1.81
N ILE A 22 1.82 0.91 -2.94
CA ILE A 22 2.60 0.70 -4.16
C ILE A 22 4.00 1.29 -4.02
N ASN A 23 4.12 2.35 -3.22
CA ASN A 23 5.40 3.00 -2.99
C ASN A 23 6.28 2.16 -2.08
N ILE A 24 5.71 1.67 -1.00
CA ILE A 24 6.43 0.84 -0.04
C ILE A 24 6.65 -0.57 -0.60
N ALA A 25 5.74 -1.01 -1.45
CA ALA A 25 5.84 -2.33 -2.05
C ALA A 25 7.19 -2.52 -2.76
N GLY A 26 7.73 -1.43 -3.28
CA GLY A 26 9.00 -1.49 -3.97
C GLY A 26 10.15 -1.79 -3.03
N THR A 27 10.04 -1.30 -1.79
CA THR A 27 11.08 -1.51 -0.80
C THR A 27 11.00 -2.93 -0.22
N THR A 28 9.78 -3.38 0.03
CA THR A 28 9.56 -4.71 0.58
C THR A 28 10.12 -5.78 -0.37
N HIS A 29 10.05 -5.50 -1.66
CA HIS A 29 10.56 -6.43 -2.67
C HIS A 29 12.04 -6.69 -2.47
N ASP A 30 12.75 -5.70 -1.93
CA ASP A 30 14.17 -5.82 -1.70
C ASP A 30 14.45 -6.53 -0.38
N VAL A 31 13.85 -6.02 0.70
CA VAL A 31 14.01 -6.61 2.02
C VAL A 31 13.70 -8.10 2.02
N VAL A 32 12.61 -8.47 1.36
CA VAL A 32 12.20 -9.86 1.28
C VAL A 32 13.22 -10.68 0.50
N SER A 33 13.90 -10.03 -0.46
CA SER A 33 14.90 -10.71 -1.27
C SER A 33 16.12 -11.08 -0.44
N PHE A 34 16.41 -10.26 0.57
CA PHE A 34 17.56 -10.50 1.44
C PHE A 34 17.33 -11.73 2.32
N PHE A 35 16.07 -11.93 2.72
CA PHE A 35 15.73 -13.07 3.56
C PHE A 35 15.40 -14.29 2.71
N ARG A 36 14.67 -14.08 1.62
CA ARG A 36 14.30 -15.17 0.73
C ARG A 36 13.47 -16.21 1.47
N PRO A 37 12.23 -15.87 1.84
CA PRO A 37 11.33 -16.78 2.56
C PRO A 37 10.80 -17.90 1.65
N LYS A 38 9.80 -18.62 2.14
CA LYS A 38 9.20 -19.71 1.37
C LYS A 38 7.91 -20.20 2.03
N LYS A 39 8.02 -20.58 3.30
CA LYS A 39 6.87 -21.06 4.05
C LYS A 39 6.84 -20.49 5.46
N LYS A 40 6.06 -19.42 5.65
CA LYS A 40 5.95 -18.78 6.95
C LYS A 40 4.69 -17.93 7.03
N LYS A 41 4.42 -17.17 5.99
CA LYS A 41 3.25 -16.32 5.93
C LYS A 41 2.52 -16.45 4.59
N HIS A 42 3.29 -16.43 3.51
CA HIS A 42 2.72 -16.56 2.17
C HIS A 42 1.83 -15.36 1.85
N GLY A 1 -29.82 4.91 -1.71
CA GLY A 1 -29.32 6.08 -0.96
C GLY A 1 -28.11 6.72 -1.61
N LYS A 2 -27.99 8.04 -1.47
CA LYS A 2 -26.87 8.77 -2.05
C LYS A 2 -25.67 8.76 -1.12
N ILE A 3 -24.49 8.51 -1.68
CA ILE A 3 -23.26 8.47 -0.89
C ILE A 3 -23.02 9.80 -0.19
N PRO A 4 -22.64 9.77 1.11
CA PRO A 4 -22.37 10.97 1.88
C PRO A 4 -21.06 11.65 1.49
N VAL A 5 -20.97 12.95 1.72
CA VAL A 5 -19.77 13.70 1.39
C VAL A 5 -18.56 13.16 2.13
N LYS A 6 -18.77 12.70 3.36
CA LYS A 6 -17.69 12.16 4.17
C LYS A 6 -17.15 10.88 3.55
N ALA A 7 -18.03 10.11 2.91
CA ALA A 7 -17.64 8.86 2.27
C ALA A 7 -16.64 9.13 1.15
N ILE A 8 -16.93 10.11 0.31
CA ILE A 8 -16.06 10.46 -0.80
C ILE A 8 -14.72 10.98 -0.29
N LYS A 9 -14.78 11.89 0.68
CA LYS A 9 -13.58 12.47 1.26
C LYS A 9 -12.72 11.40 1.92
N GLN A 10 -13.37 10.46 2.58
CA GLN A 10 -12.66 9.37 3.26
C GLN A 10 -12.04 8.43 2.24
N ALA A 11 -12.72 8.25 1.11
CA ALA A 11 -12.23 7.37 0.06
C ALA A 11 -10.95 7.93 -0.55
N GLY A 12 -10.86 9.25 -0.64
CA GLY A 12 -9.70 9.89 -1.20
C GLY A 12 -8.48 9.77 -0.30
N LYS A 13 -8.72 9.65 1.01
CA LYS A 13 -7.63 9.53 1.97
C LYS A 13 -7.10 8.09 2.01
N VAL A 14 -8.01 7.13 1.92
CA VAL A 14 -7.64 5.72 1.95
C VAL A 14 -6.67 5.39 0.82
N ILE A 15 -6.86 6.05 -0.33
CA ILE A 15 -6.00 5.82 -1.47
C ILE A 15 -4.57 6.27 -1.18
N GLY A 16 -4.44 7.33 -0.39
CA GLY A 16 -3.13 7.83 -0.04
C GLY A 16 -2.45 7.01 1.02
N LYS A 17 -3.17 6.72 2.11
CA LYS A 17 -2.62 5.92 3.19
C LYS A 17 -2.21 4.54 2.69
N GLY A 18 -2.98 4.00 1.76
CA GLY A 18 -2.67 2.70 1.20
C GLY A 18 -1.46 2.74 0.29
N LEU A 19 -1.30 3.85 -0.42
CA LEU A 19 -0.17 4.01 -1.33
C LEU A 19 1.13 4.19 -0.54
N ARG A 20 1.03 4.86 0.61
CA ARG A 20 2.19 5.09 1.46
C ARG A 20 2.65 3.79 2.11
N ALA A 21 1.69 2.92 2.40
CA ALA A 21 1.99 1.63 3.03
C ALA A 21 2.64 0.69 2.03
N ILE A 22 2.11 0.67 0.81
CA ILE A 22 2.65 -0.19 -0.23
C ILE A 22 4.05 0.27 -0.65
N ASN A 23 4.32 1.55 -0.49
CA ASN A 23 5.62 2.12 -0.84
C ASN A 23 6.69 1.66 0.15
N ILE A 24 6.34 1.68 1.43
CA ILE A 24 7.26 1.27 2.48
C ILE A 24 7.42 -0.24 2.52
N ALA A 25 6.30 -0.95 2.34
CA ALA A 25 6.31 -2.41 2.35
C ALA A 25 6.80 -2.96 1.02
N GLY A 26 6.54 -2.22 -0.05
CA GLY A 26 6.96 -2.66 -1.38
C GLY A 26 8.46 -2.69 -1.51
N THR A 27 9.14 -1.76 -0.84
CA THR A 27 10.59 -1.69 -0.89
C THR A 27 11.22 -2.91 -0.24
N THR A 28 10.89 -3.14 1.02
CA THR A 28 11.42 -4.28 1.75
C THR A 28 11.03 -5.59 1.08
N HIS A 29 9.85 -5.60 0.47
CA HIS A 29 9.36 -6.79 -0.23
C HIS A 29 10.22 -7.09 -1.45
N ASP A 30 10.76 -6.04 -2.05
CA ASP A 30 11.61 -6.19 -3.23
C ASP A 30 12.95 -6.80 -2.85
N VAL A 31 13.64 -6.17 -1.90
CA VAL A 31 14.94 -6.63 -1.44
C VAL A 31 14.87 -8.09 -0.99
N VAL A 32 13.82 -8.43 -0.26
CA VAL A 32 13.64 -9.79 0.22
C VAL A 32 13.35 -10.74 -0.93
N SER A 33 12.68 -10.24 -1.95
CA SER A 33 12.34 -11.04 -3.12
C SER A 33 13.61 -11.39 -3.90
N PHE A 34 14.59 -10.49 -3.87
CA PHE A 34 15.85 -10.71 -4.57
C PHE A 34 16.57 -11.94 -4.01
N PHE A 35 16.43 -12.16 -2.71
CA PHE A 35 17.07 -13.30 -2.05
C PHE A 35 16.13 -14.51 -2.01
N ARG A 36 14.83 -14.23 -1.94
CA ARG A 36 13.83 -15.29 -1.90
C ARG A 36 13.35 -15.64 -3.30
N PRO A 37 12.61 -16.77 -3.44
CA PRO A 37 12.09 -17.21 -4.73
C PRO A 37 11.30 -16.13 -5.44
N LYS A 38 10.65 -16.50 -6.55
CA LYS A 38 9.85 -15.56 -7.32
C LYS A 38 8.40 -15.55 -6.84
N LYS A 39 7.86 -16.74 -6.56
CA LYS A 39 6.49 -16.87 -6.08
C LYS A 39 5.51 -16.35 -7.13
N LYS A 40 4.27 -16.82 -7.06
CA LYS A 40 3.24 -16.40 -8.00
C LYS A 40 2.57 -15.11 -7.52
N LYS A 41 3.13 -13.97 -7.94
CA LYS A 41 2.59 -12.67 -7.56
C LYS A 41 2.46 -11.77 -8.78
N HIS A 42 1.24 -11.27 -9.00
CA HIS A 42 0.98 -10.39 -10.14
C HIS A 42 0.83 -8.94 -9.68
N GLY A 1 -29.21 19.43 0.39
CA GLY A 1 -27.78 19.24 0.78
C GLY A 1 -27.50 17.86 1.33
N LYS A 2 -27.90 16.84 0.57
CA LYS A 2 -27.70 15.46 0.98
C LYS A 2 -26.42 14.88 0.37
N ILE A 3 -25.58 15.76 -0.16
CA ILE A 3 -24.33 15.34 -0.78
C ILE A 3 -23.34 14.81 0.27
N PRO A 4 -23.05 13.50 0.26
CA PRO A 4 -22.12 12.89 1.21
C PRO A 4 -20.69 13.39 1.03
N VAL A 5 -20.47 14.66 1.38
CA VAL A 5 -19.15 15.26 1.26
C VAL A 5 -18.13 14.52 2.10
N LYS A 6 -18.55 14.04 3.27
CA LYS A 6 -17.66 13.31 4.16
C LYS A 6 -17.29 11.96 3.55
N ALA A 7 -18.20 11.39 2.77
CA ALA A 7 -17.97 10.11 2.12
C ALA A 7 -16.85 10.21 1.09
N ILE A 8 -16.85 11.30 0.34
CA ILE A 8 -15.84 11.53 -0.68
C ILE A 8 -14.48 11.84 -0.05
N LYS A 9 -14.49 12.74 0.92
CA LYS A 9 -13.27 13.14 1.61
C LYS A 9 -12.60 11.95 2.26
N GLN A 10 -13.37 11.23 3.08
CA GLN A 10 -12.86 10.05 3.77
C GLN A 10 -12.44 8.98 2.78
N ALA A 11 -13.12 8.94 1.64
CA ALA A 11 -12.82 7.96 0.60
C ALA A 11 -11.47 8.25 -0.03
N GLY A 12 -11.14 9.53 -0.17
CA GLY A 12 -9.88 9.93 -0.75
C GLY A 12 -8.70 9.57 0.14
N LYS A 13 -8.93 9.56 1.45
CA LYS A 13 -7.88 9.24 2.40
C LYS A 13 -7.54 7.75 2.35
N VAL A 14 -8.57 6.92 2.23
CA VAL A 14 -8.40 5.48 2.16
C VAL A 14 -7.49 5.10 0.99
N ILE A 15 -7.60 5.84 -0.11
CA ILE A 15 -6.80 5.59 -1.30
C ILE A 15 -5.34 5.96 -1.05
N GLY A 16 -5.12 6.94 -0.20
CA GLY A 16 -3.77 7.38 0.11
C GLY A 16 -3.11 6.49 1.15
N LYS A 17 -3.86 6.14 2.19
CA LYS A 17 -3.34 5.29 3.26
C LYS A 17 -2.91 3.95 2.70
N GLY A 18 -3.72 3.40 1.80
CA GLY A 18 -3.42 2.12 1.20
C GLY A 18 -2.22 2.21 0.27
N LEU A 19 -2.07 3.35 -0.40
CA LEU A 19 -0.97 3.57 -1.30
C LEU A 19 0.35 3.68 -0.55
N ARG A 20 0.29 4.26 0.65
CA ARG A 20 1.46 4.42 1.48
C ARG A 20 1.97 3.06 1.97
N ALA A 21 1.04 2.17 2.26
CA ALA A 21 1.38 0.84 2.74
C ALA A 21 2.01 0.01 1.63
N ILE A 22 1.40 0.07 0.46
CA ILE A 22 1.90 -0.67 -0.69
C ILE A 22 3.26 -0.14 -1.13
N ASN A 23 3.49 1.15 -0.87
CA ASN A 23 4.76 1.78 -1.23
C ASN A 23 5.89 1.25 -0.35
N ILE A 24 5.62 1.12 0.94
CA ILE A 24 6.62 0.63 1.89
C ILE A 24 6.80 -0.87 1.75
N ALA A 25 5.73 -1.56 1.37
CA ALA A 25 5.77 -3.01 1.20
C ALA A 25 6.58 -3.39 -0.03
N GLY A 26 6.48 -2.56 -1.07
CA GLY A 26 7.21 -2.83 -2.29
C GLY A 26 8.71 -2.85 -2.08
N THR A 27 9.19 -2.04 -1.14
CA THR A 27 10.61 -1.97 -0.84
C THR A 27 11.08 -3.28 -0.21
N THR A 28 10.25 -3.85 0.65
CA THR A 28 10.58 -5.09 1.33
C THR A 28 10.72 -6.23 0.32
N HIS A 29 9.92 -6.18 -0.74
CA HIS A 29 9.96 -7.20 -1.78
C HIS A 29 11.31 -7.23 -2.45
N ASP A 30 11.97 -6.07 -2.51
CA ASP A 30 13.28 -5.97 -3.13
C ASP A 30 14.35 -6.65 -2.27
N VAL A 31 14.41 -6.25 -1.01
CA VAL A 31 15.37 -6.81 -0.06
C VAL A 31 15.32 -8.33 -0.07
N VAL A 32 14.12 -8.88 -0.16
CA VAL A 32 13.93 -10.33 -0.18
C VAL A 32 14.47 -10.93 -1.46
N SER A 33 14.32 -10.19 -2.56
CA SER A 33 14.80 -10.65 -3.86
C SER A 33 16.32 -10.74 -3.87
N PHE A 34 16.96 -9.84 -3.12
CA PHE A 34 18.42 -9.83 -3.05
C PHE A 34 18.94 -11.14 -2.49
N PHE A 35 18.18 -11.73 -1.57
CA PHE A 35 18.56 -12.99 -0.95
C PHE A 35 17.97 -14.17 -1.71
N ARG A 36 16.82 -13.94 -2.36
CA ARG A 36 16.15 -14.98 -3.13
C ARG A 36 15.32 -14.38 -4.25
N PRO A 37 15.94 -14.17 -5.43
CA PRO A 37 15.25 -13.60 -6.60
C PRO A 37 13.98 -14.36 -6.95
N LYS A 38 12.84 -13.69 -6.82
CA LYS A 38 11.55 -14.29 -7.12
C LYS A 38 11.34 -14.40 -8.63
N LYS A 39 12.05 -13.57 -9.39
CA LYS A 39 11.95 -13.57 -10.84
C LYS A 39 10.59 -13.04 -11.29
N LYS A 40 10.59 -11.86 -11.89
CA LYS A 40 9.35 -11.24 -12.37
C LYS A 40 9.04 -11.66 -13.80
N LYS A 41 9.83 -11.16 -14.73
CA LYS A 41 9.65 -11.48 -16.14
C LYS A 41 10.62 -12.57 -16.58
N HIS A 42 11.82 -12.55 -16.02
CA HIS A 42 12.83 -13.54 -16.35
C HIS A 42 13.66 -13.91 -15.12
N GLY A 1 -30.71 15.52 4.70
CA GLY A 1 -29.31 15.30 5.15
C GLY A 1 -28.32 16.18 4.41
N LYS A 2 -27.75 17.16 5.11
CA LYS A 2 -26.78 18.06 4.51
C LYS A 2 -25.58 17.30 3.97
N ILE A 3 -24.99 17.80 2.89
CA ILE A 3 -23.84 17.16 2.28
C ILE A 3 -22.72 16.93 3.30
N PRO A 4 -22.48 15.67 3.69
CA PRO A 4 -21.43 15.34 4.67
C PRO A 4 -20.04 15.36 4.04
N VAL A 5 -19.30 16.43 4.31
CA VAL A 5 -17.95 16.58 3.77
C VAL A 5 -17.07 15.42 4.21
N LYS A 6 -17.35 14.85 5.38
CA LYS A 6 -16.58 13.74 5.90
C LYS A 6 -16.65 12.54 4.96
N ALA A 7 -17.82 12.35 4.35
CA ALA A 7 -18.03 11.24 3.42
C ALA A 7 -17.05 11.33 2.27
N ILE A 8 -17.02 12.48 1.60
CA ILE A 8 -16.12 12.69 0.47
C ILE A 8 -14.67 12.66 0.93
N LYS A 9 -14.40 13.34 2.04
CA LYS A 9 -13.04 13.41 2.58
C LYS A 9 -12.55 12.01 2.97
N GLN A 10 -13.47 11.17 3.45
CA GLN A 10 -13.12 9.82 3.86
C GLN A 10 -12.77 8.96 2.65
N ALA A 11 -13.46 9.20 1.54
CA ALA A 11 -13.24 8.46 0.31
C ALA A 11 -11.88 8.80 -0.28
N GLY A 12 -11.46 10.05 -0.13
CA GLY A 12 -10.18 10.47 -0.65
C GLY A 12 -9.01 9.89 0.14
N LYS A 13 -9.24 9.61 1.41
CA LYS A 13 -8.20 9.05 2.28
C LYS A 13 -8.02 7.57 1.98
N VAL A 14 -9.12 6.86 1.76
CA VAL A 14 -9.07 5.44 1.46
C VAL A 14 -8.21 5.16 0.23
N ILE A 15 -8.23 6.09 -0.72
CA ILE A 15 -7.45 5.94 -1.94
C ILE A 15 -5.96 5.95 -1.65
N GLY A 16 -5.55 6.81 -0.73
CA GLY A 16 -4.15 6.91 -0.37
C GLY A 16 -3.67 5.70 0.42
N LYS A 17 -4.58 5.10 1.17
CA LYS A 17 -4.25 3.92 1.98
C LYS A 17 -3.74 2.79 1.10
N GLY A 18 -4.33 2.64 -0.08
CA GLY A 18 -3.91 1.60 -0.99
C GLY A 18 -2.53 1.87 -1.57
N LEU A 19 -2.26 3.15 -1.83
CA LEU A 19 -0.97 3.55 -2.40
C LEU A 19 0.15 3.34 -1.38
N ARG A 20 -0.19 3.49 -0.10
CA ARG A 20 0.79 3.32 0.97
C ARG A 20 1.14 1.85 1.14
N ALA A 21 0.15 0.98 0.96
CA ALA A 21 0.36 -0.46 1.09
C ALA A 21 1.19 -1.00 -0.06
N ILE A 22 0.89 -0.52 -1.27
CA ILE A 22 1.62 -0.95 -2.46
C ILE A 22 3.06 -0.47 -2.41
N ASN A 23 3.29 0.66 -1.74
CA ASN A 23 4.63 1.22 -1.62
C ASN A 23 5.51 0.33 -0.76
N ILE A 24 4.94 -0.24 0.29
CA ILE A 24 5.67 -1.12 1.20
C ILE A 24 6.05 -2.42 0.50
N ALA A 25 5.20 -2.85 -0.43
CA ALA A 25 5.43 -4.08 -1.17
C ALA A 25 6.71 -3.99 -2.01
N GLY A 26 7.02 -2.77 -2.45
CA GLY A 26 8.22 -2.56 -3.25
C GLY A 26 9.49 -2.72 -2.45
N THR A 27 9.42 -2.36 -1.17
CA THR A 27 10.58 -2.46 -0.28
C THR A 27 10.95 -3.92 -0.05
N THR A 28 9.95 -4.75 0.25
CA THR A 28 10.17 -6.16 0.50
C THR A 28 10.82 -6.82 -0.72
N HIS A 29 10.45 -6.35 -1.91
CA HIS A 29 10.99 -6.90 -3.14
C HIS A 29 12.49 -6.68 -3.23
N ASP A 30 12.98 -5.66 -2.52
CA ASP A 30 14.41 -5.36 -2.50
C ASP A 30 15.12 -6.07 -1.36
N VAL A 31 14.62 -5.88 -0.15
CA VAL A 31 15.20 -6.50 1.04
C VAL A 31 15.39 -8.00 0.84
N VAL A 32 14.28 -8.71 0.67
CA VAL A 32 14.32 -10.16 0.48
C VAL A 32 15.25 -10.55 -0.66
N SER A 33 15.47 -9.63 -1.59
CA SER A 33 16.34 -9.88 -2.74
C SER A 33 17.80 -9.93 -2.29
N PHE A 34 18.13 -9.15 -1.26
CA PHE A 34 19.49 -9.10 -0.74
C PHE A 34 19.69 -10.13 0.37
N PHE A 35 18.61 -10.46 1.06
CA PHE A 35 18.67 -11.42 2.16
C PHE A 35 19.19 -12.77 1.67
N ARG A 36 18.69 -13.22 0.52
CA ARG A 36 19.10 -14.49 -0.06
C ARG A 36 20.60 -14.50 -0.33
N PRO A 37 21.09 -13.60 -1.20
CA PRO A 37 22.51 -13.52 -1.54
C PRO A 37 23.36 -12.98 -0.39
N LYS A 38 24.59 -12.59 -0.71
CA LYS A 38 25.51 -12.05 0.30
C LYS A 38 25.93 -13.11 1.29
N LYS A 39 25.94 -14.36 0.85
CA LYS A 39 26.32 -15.50 1.69
C LYS A 39 25.72 -15.40 3.10
N LYS A 40 24.45 -15.01 3.16
CA LYS A 40 23.76 -14.87 4.45
C LYS A 40 23.34 -16.24 4.98
N LYS A 41 23.04 -16.29 6.28
CA LYS A 41 22.62 -17.53 6.92
C LYS A 41 23.73 -18.58 6.84
N HIS A 42 23.44 -19.77 7.37
CA HIS A 42 24.40 -20.86 7.37
C HIS A 42 23.70 -22.20 7.56
N GLY A 1 -31.87 14.26 1.35
CA GLY A 1 -31.38 12.86 1.33
C GLY A 1 -30.19 12.65 2.25
N LYS A 2 -29.55 11.49 2.14
CA LYS A 2 -28.39 11.17 2.96
C LYS A 2 -27.09 11.38 2.19
N ILE A 3 -26.20 12.20 2.75
CA ILE A 3 -24.93 12.48 2.11
C ILE A 3 -23.77 11.87 2.92
N PRO A 4 -23.31 10.67 2.52
CA PRO A 4 -22.21 9.98 3.21
C PRO A 4 -20.91 10.77 3.16
N VAL A 5 -20.81 11.80 3.99
CA VAL A 5 -19.61 12.63 4.04
C VAL A 5 -18.41 11.82 4.51
N LYS A 6 -18.64 10.94 5.47
CA LYS A 6 -17.58 10.10 6.01
C LYS A 6 -16.99 9.20 4.93
N ALA A 7 -17.85 8.79 4.00
CA ALA A 7 -17.43 7.93 2.91
C ALA A 7 -16.39 8.63 2.03
N ILE A 8 -16.69 9.86 1.65
CA ILE A 8 -15.78 10.64 0.82
C ILE A 8 -14.49 10.96 1.57
N LYS A 9 -14.63 11.38 2.82
CA LYS A 9 -13.47 11.70 3.65
C LYS A 9 -12.57 10.49 3.83
N GLN A 10 -13.19 9.35 4.15
CA GLN A 10 -12.45 8.12 4.34
C GLN A 10 -11.83 7.64 3.03
N ALA A 11 -12.53 7.90 1.93
CA ALA A 11 -12.05 7.51 0.60
C ALA A 11 -10.83 8.33 0.21
N GLY A 12 -10.82 9.59 0.60
CA GLY A 12 -9.70 10.46 0.29
C GLY A 12 -8.42 10.01 0.96
N LYS A 13 -8.55 9.55 2.20
CA LYS A 13 -7.40 9.08 2.97
C LYS A 13 -6.76 7.87 2.30
N VAL A 14 -7.60 6.97 1.80
CA VAL A 14 -7.13 5.77 1.13
C VAL A 14 -6.24 6.12 -0.06
N ILE A 15 -6.49 7.28 -0.66
CA ILE A 15 -5.73 7.74 -1.80
C ILE A 15 -4.26 7.91 -1.44
N GLY A 16 -4.01 8.51 -0.28
CA GLY A 16 -2.64 8.72 0.16
C GLY A 16 -1.98 7.44 0.62
N LYS A 17 -2.67 6.70 1.48
CA LYS A 17 -2.15 5.43 1.99
C LYS A 17 -1.83 4.48 0.85
N GLY A 18 -2.63 4.54 -0.20
CA GLY A 18 -2.42 3.69 -1.35
C GLY A 18 -1.18 4.08 -2.12
N LEU A 19 -0.93 5.38 -2.20
CA LEU A 19 0.24 5.89 -2.91
C LEU A 19 1.52 5.50 -2.17
N ARG A 20 1.48 5.60 -0.85
CA ARG A 20 2.63 5.24 -0.02
C ARG A 20 2.84 3.73 -0.02
N ALA A 21 1.75 2.99 -0.24
CA ALA A 21 1.83 1.53 -0.28
C ALA A 21 2.51 1.05 -1.56
N ILE A 22 2.17 1.71 -2.67
CA ILE A 22 2.74 1.34 -3.96
C ILE A 22 4.25 1.56 -3.96
N ASN A 23 4.70 2.55 -3.19
CA ASN A 23 6.13 2.86 -3.10
C ASN A 23 6.86 1.80 -2.28
N ILE A 24 6.28 1.43 -1.15
CA ILE A 24 6.87 0.43 -0.27
C ILE A 24 6.66 -0.97 -0.83
N ALA A 25 5.58 -1.15 -1.59
CA ALA A 25 5.27 -2.45 -2.17
C ALA A 25 6.44 -2.97 -3.01
N GLY A 26 7.08 -2.08 -3.74
CA GLY A 26 8.21 -2.47 -4.57
C GLY A 26 9.42 -2.84 -3.75
N THR A 27 9.61 -2.18 -2.62
CA THR A 27 10.74 -2.43 -1.74
C THR A 27 10.53 -3.73 -0.97
N THR A 28 9.36 -3.86 -0.34
CA THR A 28 9.04 -5.04 0.44
C THR A 28 9.11 -6.30 -0.43
N HIS A 29 8.93 -6.12 -1.73
CA HIS A 29 8.96 -7.25 -2.67
C HIS A 29 10.39 -7.76 -2.86
N ASP A 30 11.37 -6.89 -2.58
CA ASP A 30 12.77 -7.26 -2.73
C ASP A 30 13.44 -7.46 -1.37
N VAL A 31 13.41 -6.42 -0.55
CA VAL A 31 14.01 -6.48 0.78
C VAL A 31 13.56 -7.72 1.55
N VAL A 32 12.26 -7.95 1.55
CA VAL A 32 11.70 -9.10 2.26
C VAL A 32 12.14 -10.41 1.61
N SER A 33 12.36 -10.36 0.29
CA SER A 33 12.79 -11.54 -0.45
C SER A 33 14.23 -11.90 -0.11
N PHE A 34 15.04 -10.89 0.21
CA PHE A 34 16.43 -11.10 0.55
C PHE A 34 16.58 -11.60 1.97
N PHE A 35 15.76 -11.07 2.88
CA PHE A 35 15.80 -11.45 4.28
C PHE A 35 14.95 -12.70 4.52
N ARG A 36 13.76 -12.72 3.95
CA ARG A 36 12.85 -13.86 4.10
C ARG A 36 12.47 -14.05 5.56
N PRO A 37 11.43 -13.34 6.04
CA PRO A 37 10.98 -13.45 7.43
C PRO A 37 10.28 -14.78 7.72
N LYS A 38 9.78 -15.42 6.66
CA LYS A 38 9.10 -16.70 6.80
C LYS A 38 7.81 -16.54 7.61
N LYS A 39 7.19 -15.37 7.51
CA LYS A 39 5.96 -15.10 8.23
C LYS A 39 4.93 -14.43 7.30
N LYS A 40 4.49 -15.18 6.29
CA LYS A 40 3.51 -14.68 5.34
C LYS A 40 2.09 -14.95 5.82
N LYS A 41 1.17 -14.09 5.43
CA LYS A 41 -0.23 -14.24 5.82
C LYS A 41 -0.39 -14.12 7.34
N HIS A 42 -1.47 -13.47 7.77
CA HIS A 42 -1.74 -13.29 9.18
C HIS A 42 -2.58 -14.43 9.73
N GLY A 1 -27.84 18.21 4.65
CA GLY A 1 -27.99 18.47 6.10
C GLY A 1 -26.78 18.00 6.90
N LYS A 2 -26.32 16.78 6.62
CA LYS A 2 -25.17 16.23 7.32
C LYS A 2 -23.88 16.53 6.56
N ILE A 3 -22.90 17.07 7.28
CA ILE A 3 -21.61 17.41 6.68
C ILE A 3 -21.01 16.22 5.94
N PRO A 4 -21.00 16.26 4.60
CA PRO A 4 -20.45 15.18 3.77
C PRO A 4 -18.93 15.22 3.68
N VAL A 5 -18.32 16.21 4.32
CA VAL A 5 -16.88 16.36 4.30
C VAL A 5 -16.18 15.12 4.84
N LYS A 6 -16.85 14.43 5.77
CA LYS A 6 -16.30 13.22 6.37
C LYS A 6 -16.30 12.08 5.36
N ALA A 7 -17.28 12.10 4.46
CA ALA A 7 -17.39 11.07 3.44
C ALA A 7 -16.21 11.13 2.48
N ILE A 8 -15.86 12.34 2.05
CA ILE A 8 -14.74 12.53 1.13
C ILE A 8 -13.43 12.15 1.79
N LYS A 9 -13.23 12.63 3.00
CA LYS A 9 -12.01 12.34 3.76
C LYS A 9 -11.82 10.84 3.93
N GLN A 10 -12.91 10.14 4.21
CA GLN A 10 -12.87 8.69 4.40
C GLN A 10 -12.66 7.99 3.06
N ALA A 11 -13.25 8.55 2.01
CA ALA A 11 -13.13 7.98 0.68
C ALA A 11 -11.74 8.25 0.11
N GLY A 12 -11.18 9.40 0.45
CA GLY A 12 -9.87 9.75 -0.03
C GLY A 12 -8.79 8.94 0.64
N LYS A 13 -9.07 8.46 1.85
CA LYS A 13 -8.12 7.66 2.60
C LYS A 13 -8.01 6.26 2.00
N VAL A 14 -9.16 5.69 1.63
CA VAL A 14 -9.20 4.36 1.04
C VAL A 14 -8.40 4.31 -0.26
N ILE A 15 -8.48 5.39 -1.03
CA ILE A 15 -7.76 5.48 -2.30
C ILE A 15 -6.26 5.61 -2.06
N GLY A 16 -5.90 6.35 -1.01
CA GLY A 16 -4.49 6.54 -0.69
C GLY A 16 -3.86 5.28 -0.16
N LYS A 17 -4.66 4.43 0.48
CA LYS A 17 -4.16 3.18 1.03
C LYS A 17 -3.52 2.33 -0.06
N GLY A 18 -4.12 2.35 -1.24
CA GLY A 18 -3.59 1.58 -2.36
C GLY A 18 -2.28 2.15 -2.86
N LEU A 19 -2.20 3.47 -2.94
CA LEU A 19 -0.99 4.14 -3.40
C LEU A 19 0.13 3.98 -2.37
N ARG A 20 -0.25 3.96 -1.10
CA ARG A 20 0.72 3.81 -0.02
C ARG A 20 1.23 2.37 0.03
N ALA A 21 0.37 1.43 -0.33
CA ALA A 21 0.74 0.02 -0.33
C ALA A 21 1.69 -0.30 -1.47
N ILE A 22 1.40 0.27 -2.65
CA ILE A 22 2.24 0.05 -3.82
C ILE A 22 3.62 0.67 -3.62
N ASN A 23 3.68 1.75 -2.84
CA ASN A 23 4.93 2.42 -2.56
C ASN A 23 5.80 1.61 -1.62
N ILE A 24 5.19 1.12 -0.54
CA ILE A 24 5.90 0.33 0.44
C ILE A 24 6.28 -1.04 -0.13
N ALA A 25 5.49 -1.51 -1.09
CA ALA A 25 5.74 -2.80 -1.72
C ALA A 25 7.14 -2.85 -2.33
N GLY A 26 7.53 -1.74 -2.96
CA GLY A 26 8.85 -1.68 -3.58
C GLY A 26 9.96 -1.84 -2.57
N THR A 27 9.73 -1.37 -1.35
CA THR A 27 10.73 -1.47 -0.29
C THR A 27 10.77 -2.88 0.28
N THR A 28 9.59 -3.43 0.56
CA THR A 28 9.49 -4.78 1.12
C THR A 28 10.09 -5.80 0.16
N HIS A 29 9.90 -5.57 -1.14
CA HIS A 29 10.43 -6.47 -2.16
C HIS A 29 11.95 -6.54 -2.08
N ASP A 30 12.57 -5.45 -1.64
CA ASP A 30 14.02 -5.39 -1.51
C ASP A 30 14.49 -6.21 -0.32
N VAL A 31 13.93 -5.92 0.85
CA VAL A 31 14.29 -6.63 2.08
C VAL A 31 14.17 -8.13 1.90
N VAL A 32 13.16 -8.56 1.15
CA VAL A 32 12.93 -9.97 0.90
C VAL A 32 13.95 -10.52 -0.10
N SER A 33 14.41 -9.65 -1.00
CA SER A 33 15.38 -10.05 -2.01
C SER A 33 16.77 -10.18 -1.38
N PHE A 34 17.02 -9.42 -0.33
CA PHE A 34 18.31 -9.45 0.35
C PHE A 34 18.49 -10.78 1.10
N PHE A 35 17.38 -11.31 1.61
CA PHE A 35 17.43 -12.56 2.36
C PHE A 35 17.00 -13.73 1.46
N ARG A 36 15.87 -13.57 0.79
CA ARG A 36 15.35 -14.61 -0.10
C ARG A 36 15.08 -15.90 0.67
N PRO A 37 14.06 -15.88 1.55
CA PRO A 37 13.69 -17.05 2.35
C PRO A 37 13.04 -18.14 1.52
N LYS A 38 12.64 -19.23 2.17
CA LYS A 38 12.00 -20.35 1.48
C LYS A 38 10.56 -20.53 1.96
N LYS A 39 9.64 -19.78 1.36
CA LYS A 39 8.24 -19.85 1.72
C LYS A 39 7.34 -19.63 0.50
N LYS A 40 6.46 -20.59 0.23
CA LYS A 40 5.55 -20.50 -0.89
C LYS A 40 6.32 -20.41 -2.21
N LYS A 41 6.80 -21.56 -2.69
CA LYS A 41 7.56 -21.62 -3.93
C LYS A 41 6.66 -21.29 -5.13
N HIS A 42 5.50 -21.92 -5.18
CA HIS A 42 4.56 -21.71 -6.27
C HIS A 42 3.12 -21.86 -5.78
N GLY A 1 -20.86 16.18 12.31
CA GLY A 1 -21.92 17.17 12.03
C GLY A 1 -22.68 16.88 10.74
N LYS A 2 -22.71 15.61 10.35
CA LYS A 2 -23.39 15.20 9.13
C LYS A 2 -22.75 15.82 7.90
N ILE A 3 -21.54 16.34 8.05
CA ILE A 3 -20.82 16.96 6.95
C ILE A 3 -20.68 16.00 5.77
N PRO A 4 -21.41 16.24 4.67
CA PRO A 4 -21.35 15.38 3.48
C PRO A 4 -19.93 15.22 2.96
N VAL A 5 -19.15 16.30 3.03
CA VAL A 5 -17.78 16.29 2.58
C VAL A 5 -16.95 15.25 3.33
N LYS A 6 -17.32 15.02 4.59
CA LYS A 6 -16.61 14.05 5.42
C LYS A 6 -16.66 12.66 4.79
N ALA A 7 -17.79 12.32 4.19
CA ALA A 7 -17.97 11.02 3.55
C ALA A 7 -16.92 10.83 2.46
N ILE A 8 -16.85 11.79 1.55
CA ILE A 8 -15.89 11.73 0.45
C ILE A 8 -14.47 11.77 0.97
N LYS A 9 -14.21 12.67 1.92
CA LYS A 9 -12.88 12.82 2.50
C LYS A 9 -12.42 11.50 3.11
N GLN A 10 -13.35 10.76 3.69
CA GLN A 10 -13.03 9.48 4.31
C GLN A 10 -12.75 8.42 3.24
N ALA A 11 -13.52 8.48 2.16
CA ALA A 11 -13.35 7.53 1.06
C ALA A 11 -12.05 7.81 0.31
N GLY A 12 -11.68 9.08 0.24
CA GLY A 12 -10.45 9.44 -0.43
C GLY A 12 -9.22 8.95 0.29
N LYS A 13 -9.29 8.93 1.62
CA LYS A 13 -8.19 8.48 2.45
C LYS A 13 -7.91 6.99 2.21
N VAL A 14 -8.99 6.22 2.09
CA VAL A 14 -8.88 4.80 1.86
C VAL A 14 -8.12 4.51 0.56
N ILE A 15 -8.32 5.37 -0.43
CA ILE A 15 -7.65 5.21 -1.71
C ILE A 15 -6.16 5.47 -1.58
N GLY A 16 -5.81 6.50 -0.81
CA GLY A 16 -4.42 6.83 -0.61
C GLY A 16 -3.68 5.77 0.18
N LYS A 17 -4.42 5.07 1.05
CA LYS A 17 -3.83 4.01 1.87
C LYS A 17 -3.20 2.93 1.00
N GLY A 18 -3.87 2.65 -0.12
CA GLY A 18 -3.36 1.64 -1.03
C GLY A 18 -2.09 2.09 -1.72
N LEU A 19 -2.05 3.37 -2.09
CA LEU A 19 -0.87 3.92 -2.75
C LEU A 19 0.33 3.90 -1.82
N ARG A 20 0.07 4.06 -0.53
CA ARG A 20 1.12 4.06 0.47
C ARG A 20 1.67 2.64 0.65
N ALA A 21 0.79 1.66 0.55
CA ALA A 21 1.17 0.26 0.70
C ALA A 21 2.04 -0.18 -0.47
N ILE A 22 1.66 0.23 -1.67
CA ILE A 22 2.41 -0.12 -2.88
C ILE A 22 3.80 0.54 -2.85
N ASN A 23 3.88 1.71 -2.24
CA ASN A 23 5.14 2.43 -2.14
C ASN A 23 6.08 1.72 -1.17
N ILE A 24 5.56 1.36 -0.01
CA ILE A 24 6.35 0.67 1.00
C ILE A 24 6.66 -0.76 0.57
N ALA A 25 5.79 -1.32 -0.28
CA ALA A 25 5.98 -2.68 -0.77
C ALA A 25 7.36 -2.85 -1.39
N GLY A 26 7.84 -1.81 -2.06
CA GLY A 26 9.14 -1.87 -2.69
C GLY A 26 10.25 -2.16 -1.70
N THR A 27 10.07 -1.68 -0.48
CA THR A 27 11.06 -1.89 0.58
C THR A 27 11.12 -3.36 0.98
N THR A 28 9.97 -3.92 1.34
CA THR A 28 9.90 -5.32 1.72
C THR A 28 10.31 -6.22 0.57
N HIS A 29 9.91 -5.84 -0.65
CA HIS A 29 10.24 -6.61 -1.84
C HIS A 29 11.75 -6.59 -2.07
N ASP A 30 12.40 -5.49 -1.71
CA ASP A 30 13.83 -5.35 -1.87
C ASP A 30 14.57 -6.32 -0.97
N VAL A 31 14.25 -6.26 0.33
CA VAL A 31 14.87 -7.13 1.31
C VAL A 31 14.76 -8.59 0.90
N VAL A 32 13.58 -8.97 0.41
CA VAL A 32 13.35 -10.33 -0.03
C VAL A 32 14.28 -10.71 -1.18
N SER A 33 14.42 -9.80 -2.13
CA SER A 33 15.30 -10.03 -3.28
C SER A 33 16.73 -10.31 -2.82
N PHE A 34 17.11 -9.72 -1.68
CA PHE A 34 18.45 -9.92 -1.14
C PHE A 34 18.59 -11.33 -0.55
N PHE A 35 17.48 -11.86 -0.05
CA PHE A 35 17.48 -13.20 0.54
C PHE A 35 16.78 -14.20 -0.37
N ARG A 36 16.74 -13.89 -1.67
CA ARG A 36 16.10 -14.76 -2.64
C ARG A 36 16.52 -14.39 -4.06
N PRO A 37 16.18 -15.24 -5.04
CA PRO A 37 16.53 -15.00 -6.45
C PRO A 37 15.66 -13.91 -7.07
N LYS A 38 16.02 -13.49 -8.29
CA LYS A 38 15.29 -12.45 -8.99
C LYS A 38 14.14 -13.05 -9.79
N LYS A 39 14.33 -14.28 -10.26
CA LYS A 39 13.30 -14.96 -11.05
C LYS A 39 12.57 -16.00 -10.19
N LYS A 40 11.33 -16.30 -10.57
CA LYS A 40 10.53 -17.28 -9.85
C LYS A 40 11.15 -18.66 -9.93
N LYS A 41 11.37 -19.28 -8.78
CA LYS A 41 11.96 -20.61 -8.72
C LYS A 41 10.95 -21.67 -9.14
N HIS A 42 11.35 -22.54 -10.06
CA HIS A 42 10.48 -23.61 -10.55
C HIS A 42 10.54 -24.82 -9.63
N GLY A 1 -23.34 24.37 7.48
CA GLY A 1 -21.90 24.12 7.80
C GLY A 1 -21.56 22.65 7.85
N LYS A 2 -21.21 22.16 9.04
CA LYS A 2 -20.85 20.76 9.23
C LYS A 2 -19.60 20.41 8.43
N ILE A 3 -18.60 19.86 9.10
CA ILE A 3 -17.35 19.47 8.47
C ILE A 3 -17.60 18.68 7.18
N PRO A 4 -17.41 19.32 6.01
CA PRO A 4 -17.62 18.68 4.72
C PRO A 4 -16.41 17.88 4.26
N VAL A 5 -15.23 18.31 4.69
CA VAL A 5 -13.99 17.65 4.33
C VAL A 5 -13.99 16.19 4.78
N LYS A 6 -14.69 15.91 5.87
CA LYS A 6 -14.77 14.57 6.41
C LYS A 6 -15.37 13.61 5.39
N ALA A 7 -16.39 14.08 4.68
CA ALA A 7 -17.06 13.27 3.68
C ALA A 7 -16.06 12.82 2.60
N ILE A 8 -15.35 13.79 2.03
CA ILE A 8 -14.36 13.50 1.01
C ILE A 8 -13.19 12.72 1.58
N LYS A 9 -12.73 13.14 2.75
CA LYS A 9 -11.61 12.49 3.42
C LYS A 9 -11.78 10.97 3.45
N GLN A 10 -13.03 10.52 3.53
CA GLN A 10 -13.34 9.10 3.57
C GLN A 10 -13.03 8.45 2.23
N ALA A 11 -13.48 9.08 1.15
CA ALA A 11 -13.25 8.58 -0.19
C ALA A 11 -11.77 8.65 -0.55
N GLY A 12 -11.11 9.69 -0.06
CA GLY A 12 -9.70 9.85 -0.32
C GLY A 12 -8.84 8.83 0.39
N LYS A 13 -9.34 8.35 1.52
CA LYS A 13 -8.62 7.35 2.31
C LYS A 13 -8.65 5.99 1.62
N VAL A 14 -9.80 5.65 1.05
CA VAL A 14 -9.96 4.38 0.36
C VAL A 14 -9.01 4.28 -0.83
N ILE A 15 -8.88 5.37 -1.57
CA ILE A 15 -7.99 5.41 -2.73
C ILE A 15 -6.54 5.43 -2.29
N GLY A 16 -6.28 6.04 -1.13
CA GLY A 16 -4.93 6.12 -0.62
C GLY A 16 -4.48 4.82 0.02
N LYS A 17 -5.44 4.08 0.59
CA LYS A 17 -5.13 2.81 1.24
C LYS A 17 -4.50 1.83 0.25
N GLY A 18 -4.99 1.87 -0.99
CA GLY A 18 -4.45 1.00 -2.02
C GLY A 18 -3.03 1.36 -2.40
N LEU A 19 -2.75 2.66 -2.42
CA LEU A 19 -1.42 3.13 -2.77
C LEU A 19 -0.41 2.77 -1.68
N ARG A 20 -0.85 2.85 -0.42
CA ARG A 20 0.01 2.51 0.70
C ARG A 20 0.26 1.01 0.75
N ALA A 21 -0.73 0.24 0.33
CA ALA A 21 -0.62 -1.21 0.32
C ALA A 21 0.38 -1.67 -0.73
N ILE A 22 0.32 -1.06 -1.91
CA ILE A 22 1.23 -1.40 -3.00
C ILE A 22 2.67 -1.03 -2.64
N ASN A 23 2.82 -0.02 -1.79
CA ASN A 23 4.14 0.43 -1.36
C ASN A 23 4.82 -0.63 -0.51
N ILE A 24 4.02 -1.36 0.27
CA ILE A 24 4.55 -2.40 1.14
C ILE A 24 5.22 -3.51 0.32
N ALA A 25 4.55 -3.92 -0.76
CA ALA A 25 5.08 -4.96 -1.63
C ALA A 25 6.45 -4.58 -2.17
N GLY A 26 6.59 -3.32 -2.57
CA GLY A 26 7.85 -2.85 -3.11
C GLY A 26 8.93 -2.79 -2.05
N THR A 27 8.54 -2.50 -0.81
CA THR A 27 9.48 -2.42 0.30
C THR A 27 9.99 -3.82 0.67
N THR A 28 9.05 -4.75 0.83
CA THR A 28 9.39 -6.12 1.19
C THR A 28 10.31 -6.74 0.13
N HIS A 29 10.07 -6.38 -1.12
CA HIS A 29 10.86 -6.89 -2.23
C HIS A 29 12.28 -6.34 -2.19
N ASP A 30 12.41 -5.12 -1.67
CA ASP A 30 13.71 -4.47 -1.57
C ASP A 30 14.55 -5.12 -0.45
N VAL A 31 13.97 -5.18 0.74
CA VAL A 31 14.65 -5.75 1.89
C VAL A 31 15.19 -7.15 1.56
N VAL A 32 14.39 -7.93 0.85
CA VAL A 32 14.79 -9.28 0.47
C VAL A 32 15.86 -9.23 -0.61
N SER A 33 15.77 -8.25 -1.49
CA SER A 33 16.73 -8.10 -2.58
C SER A 33 18.07 -7.61 -2.03
N PHE A 34 18.02 -6.87 -0.93
CA PHE A 34 19.23 -6.34 -0.30
C PHE A 34 20.06 -7.48 0.27
N PHE A 35 19.40 -8.53 0.73
CA PHE A 35 20.09 -9.68 1.31
C PHE A 35 20.38 -10.73 0.24
N ARG A 36 19.38 -11.02 -0.57
CA ARG A 36 19.52 -12.01 -1.64
C ARG A 36 19.87 -13.37 -1.06
N PRO A 37 18.87 -14.23 -0.81
CA PRO A 37 19.08 -15.57 -0.26
C PRO A 37 19.80 -16.49 -1.26
N LYS A 38 21.06 -16.77 -0.99
CA LYS A 38 21.85 -17.63 -1.86
C LYS A 38 21.27 -19.04 -1.91
N LYS A 39 21.01 -19.61 -0.74
CA LYS A 39 20.44 -20.96 -0.65
C LYS A 39 21.36 -21.98 -1.30
N LYS A 40 22.67 -21.71 -1.25
CA LYS A 40 23.66 -22.61 -1.82
C LYS A 40 24.94 -22.61 -0.99
N LYS A 41 25.73 -21.57 -1.14
CA LYS A 41 26.99 -21.45 -0.41
C LYS A 41 26.91 -20.30 0.60
N HIS A 42 27.79 -20.35 1.60
CA HIS A 42 27.83 -19.32 2.63
C HIS A 42 28.77 -18.19 2.24
N GLY A 1 -14.91 10.90 14.43
CA GLY A 1 -16.10 10.33 15.13
C GLY A 1 -17.26 10.09 14.19
N LYS A 2 -17.37 10.91 13.15
CA LYS A 2 -18.45 10.79 12.18
C LYS A 2 -18.34 9.47 11.41
N ILE A 3 -19.22 8.54 11.71
CA ILE A 3 -19.22 7.25 11.04
C ILE A 3 -19.50 7.40 9.55
N PRO A 4 -20.54 8.16 9.18
CA PRO A 4 -20.90 8.37 7.78
C PRO A 4 -19.80 9.09 7.00
N VAL A 5 -19.42 10.25 7.49
CA VAL A 5 -18.37 11.05 6.86
C VAL A 5 -17.08 10.26 6.72
N LYS A 6 -16.87 9.31 7.62
CA LYS A 6 -15.66 8.48 7.59
C LYS A 6 -15.53 7.75 6.26
N ALA A 7 -16.67 7.29 5.74
CA ALA A 7 -16.68 6.58 4.46
C ALA A 7 -16.10 7.44 3.35
N ILE A 8 -16.63 8.66 3.22
CA ILE A 8 -16.17 9.59 2.20
C ILE A 8 -14.72 9.99 2.45
N LYS A 9 -14.41 10.30 3.70
CA LYS A 9 -13.05 10.70 4.08
C LYS A 9 -12.05 9.58 3.79
N GLN A 10 -12.50 8.34 3.95
CA GLN A 10 -11.64 7.19 3.71
C GLN A 10 -11.29 7.07 2.23
N ALA A 11 -12.27 7.37 1.37
CA ALA A 11 -12.06 7.31 -0.06
C ALA A 11 -11.00 8.29 -0.51
N GLY A 12 -10.99 9.47 0.10
CA GLY A 12 -10.02 10.49 -0.23
C GLY A 12 -8.62 10.13 0.23
N LYS A 13 -8.54 9.32 1.29
CA LYS A 13 -7.26 8.89 1.83
C LYS A 13 -6.64 7.79 0.97
N VAL A 14 -7.48 6.89 0.49
CA VAL A 14 -7.03 5.79 -0.34
C VAL A 14 -6.32 6.29 -1.60
N ILE A 15 -6.75 7.45 -2.08
CA ILE A 15 -6.15 8.04 -3.28
C ILE A 15 -4.68 8.36 -3.05
N GLY A 16 -4.39 8.97 -1.90
CA GLY A 16 -3.02 9.32 -1.57
C GLY A 16 -2.24 8.14 -1.02
N LYS A 17 -2.89 7.38 -0.13
CA LYS A 17 -2.25 6.22 0.47
C LYS A 17 -1.82 5.22 -0.60
N GLY A 18 -2.60 5.16 -1.67
CA GLY A 18 -2.28 4.26 -2.76
C GLY A 18 -1.00 4.65 -3.47
N LEU A 19 -0.73 5.95 -3.54
CA LEU A 19 0.47 6.45 -4.18
C LEU A 19 1.69 6.17 -3.32
N ARG A 20 1.61 6.57 -2.05
CA ARG A 20 2.71 6.34 -1.12
C ARG A 20 2.86 4.86 -0.80
N ALA A 21 1.83 4.08 -1.13
CA ALA A 21 1.86 2.64 -0.89
C ALA A 21 2.59 1.91 -2.00
N ILE A 22 2.38 2.36 -3.23
CA ILE A 22 3.03 1.74 -4.38
C ILE A 22 4.53 2.04 -4.39
N ASN A 23 4.90 3.19 -3.84
CA ASN A 23 6.30 3.59 -3.78
C ASN A 23 7.06 2.76 -2.75
N ILE A 24 6.42 2.50 -1.62
CA ILE A 24 7.02 1.72 -0.54
C ILE A 24 6.86 0.22 -0.80
N ALA A 25 5.81 -0.13 -1.53
CA ALA A 25 5.54 -1.53 -1.84
C ALA A 25 6.73 -2.18 -2.55
N GLY A 26 7.49 -1.36 -3.27
CA GLY A 26 8.65 -1.87 -3.99
C GLY A 26 9.79 -2.23 -3.06
N THR A 27 9.90 -1.50 -1.95
CA THR A 27 10.96 -1.75 -0.99
C THR A 27 10.68 -3.00 -0.17
N THR A 28 9.47 -3.08 0.40
CA THR A 28 9.08 -4.23 1.20
C THR A 28 9.21 -5.52 0.39
N HIS A 29 8.97 -5.42 -0.91
CA HIS A 29 9.07 -6.57 -1.80
C HIS A 29 10.48 -7.15 -1.78
N ASP A 30 11.46 -6.29 -1.57
CA ASP A 30 12.86 -6.71 -1.52
C ASP A 30 13.18 -7.40 -0.21
N VAL A 31 12.91 -6.70 0.90
CA VAL A 31 13.18 -7.24 2.22
C VAL A 31 12.49 -8.57 2.43
N VAL A 32 11.21 -8.63 2.10
CA VAL A 32 10.43 -9.85 2.24
C VAL A 32 11.04 -10.99 1.43
N SER A 33 11.66 -10.64 0.30
CA SER A 33 12.28 -11.62 -0.57
C SER A 33 13.46 -12.29 0.13
N PHE A 34 14.26 -11.49 0.81
CA PHE A 34 15.42 -12.00 1.53
C PHE A 34 14.99 -12.70 2.82
N PHE A 35 13.94 -12.17 3.45
CA PHE A 35 13.42 -12.73 4.68
C PHE A 35 12.09 -13.44 4.42
N ARG A 36 12.06 -14.26 3.37
CA ARG A 36 10.86 -14.98 3.00
C ARG A 36 10.30 -15.77 4.20
N PRO A 37 8.99 -15.66 4.46
CA PRO A 37 8.35 -16.36 5.58
C PRO A 37 8.33 -17.88 5.37
N LYS A 38 8.65 -18.62 6.43
CA LYS A 38 8.66 -20.08 6.37
C LYS A 38 7.36 -20.66 6.91
N LYS A 39 7.03 -20.30 8.14
CA LYS A 39 5.80 -20.79 8.76
C LYS A 39 4.57 -20.09 8.19
N LYS A 40 3.45 -20.81 8.14
CA LYS A 40 2.21 -20.25 7.62
C LYS A 40 1.00 -20.82 8.35
N LYS A 41 -0.10 -20.09 8.31
CA LYS A 41 -1.33 -20.52 8.97
C LYS A 41 -2.39 -20.94 7.95
N HIS A 42 -2.07 -21.96 7.16
CA HIS A 42 -2.99 -22.45 6.15
C HIS A 42 -3.33 -21.36 5.13
N GLY A 1 -20.15 24.24 -4.49
CA GLY A 1 -19.78 23.22 -5.52
C GLY A 1 -20.53 21.92 -5.34
N LYS A 2 -19.80 20.81 -5.30
CA LYS A 2 -20.40 19.50 -5.15
C LYS A 2 -20.78 19.25 -3.69
N ILE A 3 -21.98 18.70 -3.47
CA ILE A 3 -22.46 18.42 -2.13
C ILE A 3 -21.75 17.22 -1.53
N PRO A 4 -21.66 16.10 -2.28
CA PRO A 4 -21.00 14.89 -1.80
C PRO A 4 -19.49 14.91 -2.03
N VAL A 5 -18.85 16.00 -1.63
CA VAL A 5 -17.41 16.14 -1.79
C VAL A 5 -16.66 15.46 -0.65
N LYS A 6 -17.26 15.47 0.53
CA LYS A 6 -16.65 14.85 1.70
C LYS A 6 -16.45 13.36 1.48
N ALA A 7 -17.40 12.73 0.79
CA ALA A 7 -17.32 11.31 0.51
C ALA A 7 -16.05 10.98 -0.29
N ILE A 8 -15.75 11.80 -1.28
CA ILE A 8 -14.58 11.61 -2.11
C ILE A 8 -13.30 11.86 -1.32
N LYS A 9 -13.25 13.02 -0.67
CA LYS A 9 -12.08 13.40 0.13
C LYS A 9 -11.76 12.34 1.17
N GLN A 10 -12.75 11.98 1.97
CA GLN A 10 -12.57 10.96 2.99
C GLN A 10 -12.23 9.61 2.38
N ALA A 11 -12.76 9.36 1.19
CA ALA A 11 -12.50 8.09 0.50
C ALA A 11 -11.07 8.05 -0.02
N GLY A 12 -10.59 9.20 -0.50
CA GLY A 12 -9.24 9.27 -1.02
C GLY A 12 -8.19 9.11 0.07
N LYS A 13 -8.57 9.43 1.30
CA LYS A 13 -7.66 9.31 2.43
C LYS A 13 -7.49 7.86 2.85
N VAL A 14 -8.59 7.12 2.85
CA VAL A 14 -8.56 5.71 3.23
C VAL A 14 -7.63 4.91 2.31
N ILE A 15 -7.58 5.31 1.05
CA ILE A 15 -6.73 4.63 0.07
C ILE A 15 -5.26 4.79 0.42
N GLY A 16 -4.88 5.99 0.85
CA GLY A 16 -3.50 6.26 1.21
C GLY A 16 -3.07 5.50 2.44
N LYS A 17 -3.96 5.40 3.42
CA LYS A 17 -3.68 4.70 4.67
C LYS A 17 -3.31 3.24 4.38
N GLY A 18 -4.18 2.56 3.65
CA GLY A 18 -3.92 1.18 3.31
C GLY A 18 -2.68 1.02 2.46
N LEU A 19 -2.40 2.04 1.65
CA LEU A 19 -1.22 2.03 0.80
C LEU A 19 0.05 2.06 1.63
N ARG A 20 0.02 2.81 2.72
CA ARG A 20 1.18 2.92 3.60
C ARG A 20 1.59 1.55 4.13
N ALA A 21 0.60 0.74 4.46
CA ALA A 21 0.85 -0.60 4.96
C ALA A 21 1.35 -1.51 3.85
N ILE A 22 0.73 -1.39 2.68
CA ILE A 22 1.12 -2.18 1.53
C ILE A 22 2.49 -1.78 1.03
N ASN A 23 2.87 -0.53 1.29
CA ASN A 23 4.17 -0.02 0.86
C ASN A 23 5.30 -0.67 1.67
N ILE A 24 5.05 -0.91 2.94
CA ILE A 24 6.04 -1.52 3.82
C ILE A 24 6.29 -2.97 3.43
N ALA A 25 5.26 -3.62 2.88
CA ALA A 25 5.36 -5.01 2.47
C ALA A 25 5.80 -5.13 1.02
N GLY A 26 5.50 -4.10 0.22
CA GLY A 26 5.87 -4.11 -1.19
C GLY A 26 7.30 -3.65 -1.41
N THR A 27 7.77 -2.77 -0.54
CA THR A 27 9.13 -2.25 -0.65
C THR A 27 10.16 -3.33 -0.30
N THR A 28 9.83 -4.14 0.71
CA THR A 28 10.73 -5.22 1.14
C THR A 28 10.85 -6.27 0.06
N HIS A 29 9.79 -6.45 -0.72
CA HIS A 29 9.79 -7.45 -1.79
C HIS A 29 10.76 -7.06 -2.90
N ASP A 30 10.98 -5.76 -3.07
CA ASP A 30 11.89 -5.25 -4.09
C ASP A 30 13.34 -5.50 -3.68
N VAL A 31 13.70 -5.00 -2.49
CA VAL A 31 15.05 -5.14 -1.98
C VAL A 31 15.52 -6.59 -2.03
N VAL A 32 14.64 -7.50 -1.63
CA VAL A 32 14.95 -8.92 -1.62
C VAL A 32 15.18 -9.44 -3.04
N SER A 33 14.52 -8.82 -4.01
CA SER A 33 14.66 -9.21 -5.40
C SER A 33 15.95 -8.67 -6.00
N PHE A 34 16.43 -7.55 -5.47
CA PHE A 34 17.65 -6.93 -5.95
C PHE A 34 18.88 -7.49 -5.23
N PHE A 35 18.72 -7.77 -3.93
CA PHE A 35 19.81 -8.30 -3.13
C PHE A 35 20.14 -9.73 -3.54
N ARG A 36 19.12 -10.45 -4.02
CA ARG A 36 19.31 -11.84 -4.43
C ARG A 36 20.37 -11.94 -5.53
N PRO A 37 20.13 -11.30 -6.69
CA PRO A 37 21.08 -11.33 -7.81
C PRO A 37 22.36 -10.56 -7.51
N LYS A 38 23.45 -10.97 -8.14
CA LYS A 38 24.74 -10.32 -7.94
C LYS A 38 25.76 -10.81 -8.97
N LYS A 39 25.29 -11.10 -10.17
CA LYS A 39 26.16 -11.58 -11.24
C LYS A 39 25.79 -10.95 -12.58
N LYS A 40 26.78 -10.70 -13.42
CA LYS A 40 26.55 -10.11 -14.72
C LYS A 40 26.19 -11.17 -15.76
N LYS A 41 25.39 -10.79 -16.73
CA LYS A 41 24.96 -11.72 -17.78
C LYS A 41 25.14 -11.09 -19.17
N HIS A 42 24.81 -11.86 -20.20
CA HIS A 42 24.93 -11.38 -21.57
C HIS A 42 23.80 -10.43 -21.92
N GLY A 1 -31.62 14.41 1.75
CA GLY A 1 -30.32 14.11 2.40
C GLY A 1 -29.19 14.99 1.89
N LYS A 2 -28.42 15.56 2.79
CA LYS A 2 -27.31 16.43 2.43
C LYS A 2 -25.97 15.73 2.65
N ILE A 3 -25.37 15.24 1.57
CA ILE A 3 -24.10 14.55 1.64
C ILE A 3 -22.99 15.49 2.11
N PRO A 4 -22.47 15.29 3.33
CA PRO A 4 -21.40 16.13 3.88
C PRO A 4 -20.09 15.95 3.13
N VAL A 5 -19.34 17.04 2.96
CA VAL A 5 -18.07 17.01 2.28
C VAL A 5 -17.11 16.01 2.93
N LYS A 6 -17.23 15.85 4.24
CA LYS A 6 -16.38 14.94 4.98
C LYS A 6 -16.56 13.50 4.48
N ALA A 7 -17.79 13.17 4.12
CA ALA A 7 -18.10 11.83 3.62
C ALA A 7 -17.29 11.52 2.37
N ILE A 8 -17.35 12.42 1.39
CA ILE A 8 -16.62 12.25 0.14
C ILE A 8 -15.12 12.22 0.39
N LYS A 9 -14.65 13.15 1.21
CA LYS A 9 -13.24 13.24 1.54
C LYS A 9 -12.73 11.94 2.16
N GLN A 10 -13.60 11.28 2.91
CA GLN A 10 -13.25 10.01 3.55
C GLN A 10 -12.89 8.96 2.51
N ALA A 11 -13.59 8.99 1.38
CA ALA A 11 -13.36 8.04 0.31
C ALA A 11 -12.01 8.29 -0.35
N GLY A 12 -11.63 9.56 -0.46
CA GLY A 12 -10.37 9.91 -1.06
C GLY A 12 -9.18 9.49 -0.20
N LYS A 13 -9.39 9.46 1.10
CA LYS A 13 -8.35 9.08 2.04
C LYS A 13 -8.06 7.58 1.95
N VAL A 14 -9.13 6.79 1.81
CA VAL A 14 -9.00 5.34 1.71
C VAL A 14 -8.12 4.95 0.54
N ILE A 15 -8.13 5.77 -0.51
CA ILE A 15 -7.32 5.50 -1.69
C ILE A 15 -5.83 5.57 -1.36
N GLY A 16 -5.48 6.46 -0.44
CA GLY A 16 -4.10 6.61 -0.06
C GLY A 16 -3.61 5.47 0.84
N LYS A 17 -4.53 4.93 1.63
CA LYS A 17 -4.20 3.83 2.53
C LYS A 17 -3.65 2.64 1.75
N GLY A 18 -4.26 2.37 0.60
CA GLY A 18 -3.82 1.27 -0.23
C GLY A 18 -2.47 1.52 -0.84
N LEU A 19 -2.22 2.77 -1.22
CA LEU A 19 -0.94 3.14 -1.83
C LEU A 19 0.18 3.08 -0.80
N ARG A 20 -0.17 3.36 0.46
CA ARG A 20 0.81 3.34 1.53
C ARG A 20 1.24 1.91 1.83
N ALA A 21 0.30 0.98 1.77
CA ALA A 21 0.58 -0.43 2.03
C ALA A 21 1.41 -1.03 0.91
N ILE A 22 1.05 -0.69 -0.32
CA ILE A 22 1.77 -1.19 -1.49
C ILE A 22 3.19 -0.62 -1.54
N ASN A 23 3.35 0.58 -0.98
CA ASN A 23 4.66 1.23 -0.95
C ASN A 23 5.62 0.48 -0.05
N ILE A 24 5.12 -0.01 1.08
CA ILE A 24 5.94 -0.76 2.02
C ILE A 24 6.35 -2.10 1.45
N ALA A 25 5.47 -2.68 0.64
CA ALA A 25 5.73 -3.98 0.02
C ALA A 25 6.94 -3.90 -0.91
N GLY A 26 7.14 -2.73 -1.51
CA GLY A 26 8.26 -2.55 -2.42
C GLY A 26 9.59 -2.66 -1.71
N THR A 27 9.64 -2.21 -0.46
CA THR A 27 10.87 -2.27 0.33
C THR A 27 11.28 -3.72 0.58
N THR A 28 10.36 -4.49 1.17
CA THR A 28 10.62 -5.90 1.45
C THR A 28 10.96 -6.65 0.18
N HIS A 29 10.34 -6.24 -0.92
CA HIS A 29 10.58 -6.89 -2.22
C HIS A 29 12.02 -6.69 -2.67
N ASP A 30 12.62 -5.57 -2.27
CA ASP A 30 13.99 -5.26 -2.63
C ASP A 30 14.97 -6.04 -1.76
N VAL A 31 14.83 -5.91 -0.45
CA VAL A 31 15.70 -6.61 0.49
C VAL A 31 15.74 -8.09 0.21
N VAL A 32 14.57 -8.68 0.01
CA VAL A 32 14.46 -10.11 -0.27
C VAL A 32 15.10 -10.45 -1.60
N SER A 33 15.04 -9.50 -2.54
CA SER A 33 15.61 -9.69 -3.86
C SER A 33 17.13 -9.72 -3.80
N PHE A 34 17.69 -9.01 -2.82
CA PHE A 34 19.14 -8.97 -2.65
C PHE A 34 19.60 -9.94 -1.56
N PHE A 35 18.69 -10.77 -1.08
CA PHE A 35 19.01 -11.75 -0.04
C PHE A 35 18.78 -13.18 -0.54
N ARG A 36 17.69 -13.37 -1.27
CA ARG A 36 17.35 -14.68 -1.81
C ARG A 36 18.47 -15.21 -2.71
N PRO A 37 18.78 -14.50 -3.81
CA PRO A 37 19.82 -14.91 -4.75
C PRO A 37 21.22 -14.79 -4.15
N LYS A 38 22.11 -15.68 -4.56
CA LYS A 38 23.48 -15.67 -4.06
C LYS A 38 24.46 -16.06 -5.16
N LYS A 39 24.11 -15.73 -6.41
CA LYS A 39 24.96 -16.04 -7.54
C LYS A 39 26.35 -15.42 -7.38
N LYS A 40 27.37 -16.23 -7.58
CA LYS A 40 28.75 -15.77 -7.45
C LYS A 40 29.39 -15.57 -8.83
N LYS A 41 28.60 -15.08 -9.77
CA LYS A 41 29.08 -14.86 -11.13
C LYS A 41 29.99 -13.63 -11.19
N HIS A 42 31.17 -13.74 -10.58
CA HIS A 42 32.12 -12.64 -10.57
C HIS A 42 31.52 -11.41 -9.90
#